data_6ADH
#
_entry.id   6ADH
#
_cell.length_a   52.000
_cell.length_b   44.600
_cell.length_c   94.400
_cell.angle_alpha   104.40
_cell.angle_beta   101.90
_cell.angle_gamma   70.70
#
_symmetry.space_group_name_H-M   'P 1'
#
loop_
_entity.id
_entity.type
_entity.pdbx_description
1 polymer 'HOLO-LIVER ALCOHOL DEHYDROGENASE'
2 non-polymer 'ZINC ION'
3 non-polymer NICOTINAMIDE-ADENINE-DINUCLEOTIDE
4 non-polymer 'DIMETHYL SULFOXIDE'
#
_entity_poly.entity_id   1
_entity_poly.type   'polypeptide(L)'
_entity_poly.pdbx_seq_one_letter_code
;STAGKVIKCKAAVLWEEKKPFSIEEVEVAPPKAHEVRIKMVATGICRSDDHVVSGTLVTPLPVIAGHEAAGIVESIGEGV
TTVRPGDKVIPLFTPQCGKCRVCKHPEGNFCLKNDLSMPRGTMQDGTSRFTCRGKPIHHFLGTSTFSQYTVVDEISVAKI
DAASPLEKVCLIGCGFSTGYGSAVKVAKVTQGSTCAVFGLGGVGLSVIMGCKAAGAARIIGVDINKDKFAKAKEVGATEC
VNPQDYKKPIQEVLTEMSNGGVDFSFEVIGRLDTMVTALSCCQEAYGVSVIVGVPPDSQNLSMNPMLLLSGRTWKGAIFG
GFKSKDSVPKLVADFMAKKFALDPLITHVLPFEKINEGFDLLRSGESIRTILTF
;
_entity_poly.pdbx_strand_id   A,B
#
loop_
_chem_comp.id
_chem_comp.type
_chem_comp.name
_chem_comp.formula
DMS non-polymer 'DIMETHYL SULFOXIDE' 'C2 H6 O S'
NAD non-polymer NICOTINAMIDE-ADENINE-DINUCLEOTIDE 'C21 H27 N7 O14 P2'
ZN non-polymer 'ZINC ION' 'Zn 2'
#
# COMPACT_ATOMS: atom_id res chain seq x y z
N SER A 1 -9.45 -15.28 46.88
CA SER A 1 -9.27 -16.09 45.71
C SER A 1 -8.35 -17.29 45.77
N THR A 2 -8.38 -17.75 44.51
CA THR A 2 -7.84 -18.97 43.85
C THR A 2 -9.01 -19.94 43.82
N ALA A 3 -8.96 -21.02 43.04
CA ALA A 3 -10.12 -21.91 43.08
C ALA A 3 -10.29 -22.97 41.99
N GLY A 4 -11.61 -22.95 41.77
CA GLY A 4 -12.48 -23.67 40.86
C GLY A 4 -13.78 -22.79 40.67
N LYS A 5 -14.30 -22.14 41.76
CA LYS A 5 -15.52 -21.25 41.66
C LYS A 5 -15.15 -19.74 41.66
N VAL A 6 -16.20 -18.94 41.72
CA VAL A 6 -16.16 -17.45 41.60
C VAL A 6 -15.12 -16.76 42.55
N ILE A 7 -14.11 -16.11 41.91
CA ILE A 7 -13.07 -15.27 42.58
C ILE A 7 -13.66 -13.86 42.74
N LYS A 8 -13.42 -13.26 43.88
CA LYS A 8 -13.92 -11.91 44.18
C LYS A 8 -12.73 -10.98 44.39
N CYS A 9 -12.22 -10.44 43.32
CA CYS A 9 -11.02 -9.58 43.34
C CYS A 9 -11.34 -8.10 43.07
N LYS A 10 -10.25 -7.40 42.71
CA LYS A 10 -10.25 -5.95 42.41
C LYS A 10 -9.94 -5.68 40.94
N ALA A 11 -10.43 -4.55 40.43
CA ALA A 11 -10.29 -4.19 39.01
C ALA A 11 -10.44 -2.67 38.80
N ALA A 12 -10.34 -2.25 37.56
CA ALA A 12 -10.50 -0.83 37.19
C ALA A 12 -11.45 -0.72 36.01
N VAL A 13 -12.69 -0.55 36.40
CA VAL A 13 -13.82 -0.45 35.50
C VAL A 13 -14.02 1.02 35.04
N LEU A 14 -14.21 1.15 33.73
CA LEU A 14 -14.60 2.42 33.08
C LEU A 14 -16.11 2.32 33.11
N TRP A 15 -16.79 3.33 33.49
CA TRP A 15 -18.24 3.23 33.54
C TRP A 15 -18.79 4.21 32.55
N GLU A 16 -17.88 5.01 32.10
CA GLU A 16 -18.24 6.12 31.29
C GLU A 16 -17.01 6.75 30.64
N GLU A 17 -17.29 7.01 29.38
CA GLU A 17 -16.40 7.63 28.39
C GLU A 17 -15.98 9.05 28.83
N LYS A 18 -14.73 9.15 29.23
CA LYS A 18 -14.07 10.43 29.60
C LYS A 18 -13.94 10.62 31.10
N LYS A 19 -14.20 9.59 31.84
CA LYS A 19 -14.04 9.69 33.29
C LYS A 19 -12.91 8.78 33.71
N PRO A 20 -12.26 9.04 34.86
CA PRO A 20 -11.19 8.20 35.33
C PRO A 20 -11.73 6.82 35.63
N PHE A 21 -10.87 5.97 36.17
CA PHE A 21 -11.25 4.58 36.49
C PHE A 21 -11.61 4.42 37.95
N SER A 22 -12.62 3.60 38.14
CA SER A 22 -13.10 3.23 39.46
C SER A 22 -12.48 1.90 39.83
N ILE A 23 -11.48 1.94 40.70
CA ILE A 23 -10.92 0.68 41.21
C ILE A 23 -12.04 0.10 42.07
N GLU A 24 -12.33 -1.16 41.84
CA GLU A 24 -13.48 -1.79 42.47
C GLU A 24 -13.34 -3.29 42.70
N GLU A 25 -14.46 -3.75 43.28
CA GLU A 25 -14.80 -5.15 43.56
C GLU A 25 -15.66 -5.65 42.40
N VAL A 26 -15.18 -6.69 41.75
CA VAL A 26 -15.89 -7.35 40.63
C VAL A 26 -15.82 -8.85 40.93
N GLU A 27 -16.61 -9.71 40.36
CA GLU A 27 -16.43 -11.14 40.71
C GLU A 27 -16.35 -11.97 39.37
N VAL A 28 -15.10 -12.48 39.13
CA VAL A 28 -14.67 -13.28 37.93
C VAL A 28 -15.05 -14.73 38.10
N ALA A 29 -15.91 -15.13 37.23
CA ALA A 29 -16.46 -16.46 37.25
C ALA A 29 -15.44 -17.45 36.79
N PRO A 30 -15.53 -18.66 37.33
CA PRO A 30 -14.59 -19.70 36.98
C PRO A 30 -14.65 -19.90 35.47
N PRO A 31 -13.56 -20.35 34.74
CA PRO A 31 -13.61 -20.53 33.29
C PRO A 31 -14.57 -21.56 32.80
N LYS A 32 -14.81 -21.33 31.52
CA LYS A 32 -15.72 -22.09 30.68
C LYS A 32 -14.94 -22.71 29.51
N ALA A 33 -14.97 -24.04 29.59
CA ALA A 33 -14.33 -24.98 28.66
C ALA A 33 -13.58 -24.21 27.59
N HIS A 34 -12.27 -24.40 27.65
CA HIS A 34 -11.32 -23.79 26.72
C HIS A 34 -10.97 -22.37 27.10
N GLU A 35 -11.19 -22.05 28.33
CA GLU A 35 -10.80 -20.74 28.81
C GLU A 35 -9.81 -20.92 29.89
N VAL A 36 -9.20 -19.83 30.20
CA VAL A 36 -8.09 -19.87 31.09
C VAL A 36 -7.99 -18.56 31.87
N ARG A 37 -8.54 -18.59 33.08
CA ARG A 37 -8.44 -17.44 33.98
C ARG A 37 -6.99 -17.47 34.51
N ILE A 38 -6.46 -16.26 34.50
CA ILE A 38 -5.05 -15.91 34.75
C ILE A 38 -4.89 -14.85 35.86
N LYS A 39 -4.11 -15.19 36.92
CA LYS A 39 -3.80 -14.25 38.04
C LYS A 39 -2.77 -13.19 37.61
N MET A 40 -3.24 -11.97 37.43
CA MET A 40 -2.42 -10.84 36.92
C MET A 40 -1.34 -10.36 37.90
N VAL A 41 -0.14 -10.28 37.31
CA VAL A 41 1.09 -9.79 37.92
C VAL A 41 1.33 -8.31 37.48
N ALA A 42 1.64 -8.08 36.17
CA ALA A 42 1.96 -6.70 35.62
C ALA A 42 1.16 -6.33 34.34
N THR A 43 1.00 -5.01 34.13
CA THR A 43 0.24 -4.46 32.97
C THR A 43 0.95 -3.26 32.37
N GLY A 44 0.49 -2.91 31.18
CA GLY A 44 1.06 -1.79 30.43
C GLY A 44 -0.02 -0.82 29.99
N ILE A 45 0.38 0.44 30.05
CA ILE A 45 -0.47 1.54 29.63
C ILE A 45 0.01 2.05 28.26
N CYS A 46 -0.73 1.45 27.36
CA CYS A 46 -0.76 1.68 25.92
C CYS A 46 -1.67 2.89 25.73
N ARG A 47 -1.82 3.34 24.51
CA ARG A 47 -2.68 4.49 24.21
C ARG A 47 -4.06 4.00 23.83
N SER A 48 -4.01 2.90 23.12
CA SER A 48 -5.22 2.24 22.66
C SER A 48 -6.03 1.78 23.88
N ASP A 49 -5.54 2.13 25.04
CA ASP A 49 -6.25 1.84 26.30
C ASP A 49 -6.91 3.13 26.76
N ASP A 50 -6.33 4.19 26.26
CA ASP A 50 -6.76 5.55 26.52
C ASP A 50 -7.72 6.00 25.41
N HIS A 51 -7.58 5.41 24.23
CA HIS A 51 -8.51 5.74 23.14
C HIS A 51 -9.91 5.36 23.59
N VAL A 52 -9.94 4.41 24.52
CA VAL A 52 -11.19 3.88 25.07
C VAL A 52 -11.80 4.81 26.12
N VAL A 53 -11.05 5.66 26.78
CA VAL A 53 -11.72 6.54 27.76
C VAL A 53 -12.23 7.77 27.03
N SER A 54 -11.58 8.08 25.93
CA SER A 54 -12.06 9.17 25.08
C SER A 54 -13.17 8.61 24.22
N GLY A 55 -12.84 7.49 23.59
CA GLY A 55 -13.78 6.79 22.72
C GLY A 55 -13.36 6.95 21.27
N THR A 56 -12.05 7.03 21.11
CA THR A 56 -11.40 7.12 19.80
C THR A 56 -11.34 5.72 19.19
N LEU A 57 -11.37 4.78 20.10
CA LEU A 57 -11.46 3.32 19.85
C LEU A 57 -12.76 2.95 20.54
N VAL A 58 -13.70 2.42 19.83
CA VAL A 58 -15.04 2.22 20.40
C VAL A 58 -15.30 0.74 20.75
N THR A 59 -15.57 0.48 22.02
CA THR A 59 -15.94 -0.89 22.48
C THR A 59 -17.10 -0.77 23.47
N PRO A 60 -17.93 -1.79 23.63
CA PRO A 60 -19.02 -1.70 24.57
C PRO A 60 -18.58 -1.48 26.01
N LEU A 61 -18.87 -0.26 26.48
CA LEU A 61 -18.74 0.14 27.91
C LEU A 61 -20.02 -0.35 28.59
N PRO A 62 -20.09 -0.73 29.91
CA PRO A 62 -18.98 -0.67 30.90
C PRO A 62 -17.97 -1.75 30.63
N VAL A 63 -16.69 -1.46 30.88
CA VAL A 63 -15.67 -2.45 30.50
C VAL A 63 -14.38 -2.38 31.34
N ILE A 64 -13.85 -3.58 31.58
CA ILE A 64 -12.52 -3.71 32.21
C ILE A 64 -11.48 -3.66 31.08
N ALA A 65 -11.07 -2.44 30.73
CA ALA A 65 -10.04 -2.20 29.69
C ALA A 65 -8.77 -3.04 29.99
N GLY A 66 -7.66 -2.68 29.36
CA GLY A 66 -6.35 -3.37 29.58
C GLY A 66 -6.20 -4.54 28.59
N HIS A 67 -4.97 -4.71 28.09
CA HIS A 67 -4.73 -5.75 27.08
C HIS A 67 -3.23 -6.10 26.85
N GLU A 68 -2.36 -5.30 27.37
CA GLU A 68 -0.91 -5.52 27.19
C GLU A 68 -0.33 -5.93 28.54
N ALA A 69 -0.49 -7.20 28.90
CA ALA A 69 -0.09 -7.64 30.24
C ALA A 69 0.40 -9.10 30.29
N ALA A 70 1.09 -9.37 31.38
CA ALA A 70 1.62 -10.72 31.72
C ALA A 70 1.04 -11.12 33.10
N GLY A 71 1.03 -12.42 33.40
CA GLY A 71 0.50 -12.96 34.68
C GLY A 71 0.63 -14.49 34.71
N ILE A 72 0.18 -15.10 35.85
CA ILE A 72 0.19 -16.59 36.04
C ILE A 72 -1.25 -17.15 36.09
N VAL A 73 -1.36 -18.37 35.56
CA VAL A 73 -2.64 -19.12 35.45
C VAL A 73 -2.95 -19.89 36.75
N GLU A 74 -4.26 -20.05 36.99
CA GLU A 74 -4.79 -20.84 38.13
C GLU A 74 -5.68 -21.98 37.60
N SER A 75 -6.84 -21.57 37.13
CA SER A 75 -7.86 -22.47 36.56
C SER A 75 -7.81 -22.43 35.02
N ILE A 76 -8.05 -23.62 34.45
CA ILE A 76 -8.18 -23.82 32.98
C ILE A 76 -9.53 -24.54 32.76
N GLY A 77 -9.94 -24.68 31.51
CA GLY A 77 -11.26 -25.27 31.18
C GLY A 77 -11.18 -26.72 30.73
N GLU A 78 -12.21 -27.09 29.96
CA GLU A 78 -12.37 -28.45 29.42
C GLU A 78 -11.75 -28.59 28.04
N GLY A 79 -10.78 -29.50 27.99
CA GLY A 79 -10.08 -29.89 26.76
C GLY A 79 -8.85 -29.02 26.46
N VAL A 80 -8.62 -28.06 27.36
CA VAL A 80 -7.49 -27.11 27.27
C VAL A 80 -6.17 -27.91 27.15
N THR A 81 -5.53 -27.73 26.00
CA THR A 81 -4.28 -28.44 25.67
C THR A 81 -3.05 -27.56 25.88
N THR A 82 -3.14 -26.40 25.24
CA THR A 82 -2.04 -25.41 25.15
C THR A 82 -1.38 -25.05 26.55
N VAL A 83 -1.99 -24.24 27.49
CA VAL A 83 -1.29 -23.88 28.83
C VAL A 83 -1.89 -24.61 30.09
N ARG A 84 -0.98 -25.13 30.96
CA ARG A 84 -1.34 -25.77 32.28
C ARG A 84 -1.11 -24.76 33.45
N PRO A 85 -1.88 -24.72 34.58
CA PRO A 85 -1.70 -23.70 35.66
C PRO A 85 -0.35 -23.72 36.37
N GLY A 86 -0.06 -22.53 36.89
CA GLY A 86 1.21 -22.20 37.57
C GLY A 86 2.13 -21.67 36.48
N ASP A 87 1.49 -21.61 35.33
CA ASP A 87 2.09 -21.19 34.06
C ASP A 87 2.08 -19.69 33.89
N LYS A 88 3.22 -19.21 33.45
CA LYS A 88 3.37 -17.82 33.09
C LYS A 88 2.89 -17.74 31.64
N VAL A 89 1.89 -16.95 31.42
CA VAL A 89 1.30 -16.81 30.09
C VAL A 89 1.16 -15.33 29.80
N ILE A 90 1.10 -14.95 28.56
CA ILE A 90 0.81 -13.54 28.29
C ILE A 90 -0.38 -13.44 27.34
N PRO A 91 -1.49 -12.81 27.82
CA PRO A 91 -2.74 -12.60 27.03
C PRO A 91 -2.55 -11.86 25.69
N LEU A 92 -3.38 -12.36 24.69
CA LEU A 92 -3.38 -11.97 23.21
C LEU A 92 -4.70 -11.26 22.71
N PHE A 93 -4.56 -9.93 22.47
CA PHE A 93 -5.67 -9.03 22.02
C PHE A 93 -6.10 -9.38 20.54
N THR A 94 -5.15 -9.94 19.78
CA THR A 94 -5.35 -10.50 18.40
C THR A 94 -5.17 -12.04 18.52
N PRO A 95 -6.23 -12.91 18.61
CA PRO A 95 -6.02 -14.37 18.81
C PRO A 95 -5.44 -15.09 17.59
N GLN A 96 -5.25 -16.41 17.72
CA GLN A 96 -4.86 -17.31 16.60
C GLN A 96 -5.85 -18.50 16.68
N CYS A 97 -5.82 -19.41 15.75
CA CYS A 97 -6.76 -20.56 15.83
C CYS A 97 -6.30 -21.65 14.85
N GLY A 98 -7.08 -21.88 13.81
CA GLY A 98 -6.71 -22.91 12.82
C GLY A 98 -7.91 -23.30 11.97
N LYS A 99 -7.98 -22.64 10.84
CA LYS A 99 -9.02 -22.84 9.82
C LYS A 99 -9.17 -21.56 9.01
N CYS A 100 -9.74 -20.57 9.68
CA CYS A 100 -9.94 -19.27 9.04
C CYS A 100 -8.70 -18.97 8.20
N ARG A 101 -8.95 -18.95 6.90
CA ARG A 101 -7.92 -18.77 5.85
C ARG A 101 -6.84 -17.72 6.26
N VAL A 102 -7.12 -16.83 7.21
CA VAL A 102 -6.08 -15.85 7.64
C VAL A 102 -5.10 -16.55 8.58
N CYS A 103 -5.60 -17.41 9.42
CA CYS A 103 -4.76 -18.22 10.31
C CYS A 103 -3.94 -19.21 9.49
N LYS A 104 -4.45 -19.52 8.29
CA LYS A 104 -3.85 -20.54 7.40
C LYS A 104 -3.18 -19.96 6.11
N HIS A 105 -2.88 -18.66 6.12
CA HIS A 105 -2.22 -17.92 4.99
C HIS A 105 -0.76 -17.63 5.37
N PRO A 106 0.30 -17.76 4.54
CA PRO A 106 1.66 -17.54 5.05
C PRO A 106 1.85 -16.15 5.65
N GLU A 107 1.14 -15.20 5.09
CA GLU A 107 1.25 -13.77 5.46
C GLU A 107 -0.09 -13.22 5.94
N GLY A 108 -0.53 -13.61 7.12
CA GLY A 108 -1.85 -13.16 7.58
C GLY A 108 -1.74 -12.11 8.70
N ASN A 109 -1.80 -12.73 9.89
CA ASN A 109 -1.77 -12.16 11.27
C ASN A 109 -3.19 -12.16 11.93
N PHE A 110 -3.93 -11.10 11.53
CA PHE A 110 -5.32 -10.69 11.97
C PHE A 110 -6.38 -11.81 11.82
N CYS A 111 -6.51 -12.58 12.91
CA CYS A 111 -7.43 -13.74 13.01
C CYS A 111 -8.88 -13.30 12.90
N LEU A 112 -9.57 -13.95 11.99
CA LEU A 112 -10.99 -13.66 11.75
C LEU A 112 -11.75 -13.59 13.07
N LYS A 113 -11.30 -14.35 14.06
CA LYS A 113 -12.03 -14.44 15.34
C LYS A 113 -11.71 -13.30 16.33
N ASN A 114 -11.19 -12.19 15.86
CA ASN A 114 -10.90 -11.06 16.77
C ASN A 114 -12.23 -10.42 17.25
N ASP A 115 -12.04 -9.29 17.92
CA ASP A 115 -13.12 -8.46 18.51
C ASP A 115 -12.68 -6.99 18.45
N LEU A 116 -11.84 -6.75 17.45
CA LEU A 116 -11.20 -5.44 17.21
C LEU A 116 -11.85 -4.69 16.04
N SER A 117 -12.23 -5.42 15.02
CA SER A 117 -12.83 -4.77 13.83
C SER A 117 -14.34 -4.43 14.06
N MET A 118 -15.02 -5.02 15.07
CA MET A 118 -16.46 -4.63 15.37
C MET A 118 -16.99 -5.42 16.58
N PRO A 119 -16.56 -4.77 17.69
CA PRO A 119 -16.67 -5.23 19.10
C PRO A 119 -18.06 -5.52 19.66
N ARG A 120 -18.10 -6.75 20.22
CA ARG A 120 -19.25 -7.33 20.95
C ARG A 120 -19.12 -6.90 22.42
N GLY A 121 -17.87 -6.95 22.87
CA GLY A 121 -17.48 -6.53 24.22
C GLY A 121 -17.67 -7.65 25.23
N THR A 122 -17.39 -8.85 24.81
CA THR A 122 -17.55 -10.02 25.67
C THR A 122 -16.57 -11.11 25.32
N MET A 123 -16.93 -12.26 25.85
CA MET A 123 -16.20 -13.49 25.67
C MET A 123 -16.50 -14.01 24.25
N GLN A 124 -15.95 -15.17 24.00
CA GLN A 124 -16.06 -15.80 22.70
C GLN A 124 -17.39 -16.54 22.50
N ASP A 125 -18.31 -16.47 23.45
CA ASP A 125 -19.65 -17.07 23.18
C ASP A 125 -20.71 -15.97 23.27
N GLY A 126 -20.28 -14.82 23.74
CA GLY A 126 -21.14 -13.63 23.81
C GLY A 126 -21.39 -13.17 25.25
N THR A 127 -20.87 -13.91 26.22
CA THR A 127 -21.11 -13.58 27.66
C THR A 127 -19.85 -13.05 28.39
N SER A 128 -20.13 -12.55 29.61
CA SER A 128 -19.12 -11.96 30.55
C SER A 128 -18.56 -13.02 31.49
N ARG A 129 -17.72 -12.51 32.35
CA ARG A 129 -16.90 -13.27 33.29
C ARG A 129 -16.40 -12.26 34.32
N PHE A 130 -17.22 -11.23 34.32
CA PHE A 130 -17.04 -9.99 35.03
C PHE A 130 -18.42 -9.41 35.33
N THR A 131 -18.72 -9.41 36.58
CA THR A 131 -19.95 -8.91 37.16
C THR A 131 -19.56 -7.98 38.28
N CYS A 132 -19.98 -6.73 38.24
CA CYS A 132 -19.62 -5.84 39.37
C CYS A 132 -20.77 -5.80 40.39
N ARG A 133 -21.35 -4.63 40.58
CA ARG A 133 -22.42 -4.45 41.57
C ARG A 133 -23.42 -5.64 41.46
N GLY A 134 -23.86 -5.88 40.26
CA GLY A 134 -24.79 -6.98 39.92
C GLY A 134 -24.96 -6.95 38.42
N LYS A 135 -24.23 -6.02 37.88
CA LYS A 135 -24.24 -5.71 36.46
C LYS A 135 -22.95 -6.23 35.82
N PRO A 136 -23.03 -7.21 34.88
CA PRO A 136 -21.85 -7.74 34.25
C PRO A 136 -21.13 -6.64 33.56
N ILE A 137 -19.85 -6.59 33.76
CA ILE A 137 -19.03 -5.58 33.11
C ILE A 137 -18.36 -6.25 31.90
N HIS A 138 -18.21 -5.45 30.88
CA HIS A 138 -17.68 -5.86 29.57
C HIS A 138 -16.16 -6.14 29.60
N HIS A 139 -15.73 -7.21 28.91
CA HIS A 139 -14.27 -7.46 28.71
C HIS A 139 -13.88 -6.59 27.46
N PHE A 140 -12.58 -6.31 27.27
CA PHE A 140 -12.10 -5.48 26.11
C PHE A 140 -11.27 -6.37 25.20
N LEU A 141 -11.57 -6.28 23.93
CA LEU A 141 -10.95 -7.13 22.93
C LEU A 141 -11.14 -8.56 23.41
N GLY A 142 -10.33 -9.03 24.32
CA GLY A 142 -10.50 -10.41 24.82
C GLY A 142 -9.40 -10.76 25.78
N THR A 143 -9.08 -9.76 26.58
CA THR A 143 -7.99 -9.84 27.55
C THR A 143 -8.36 -9.16 28.89
N SER A 144 -8.86 -7.93 28.82
CA SER A 144 -9.22 -7.14 30.03
C SER A 144 -8.22 -7.47 31.17
N THR A 145 -7.11 -6.74 31.24
CA THR A 145 -6.05 -7.08 32.22
C THR A 145 -5.77 -5.99 33.26
N PHE A 146 -6.83 -5.26 33.60
CA PHE A 146 -6.77 -4.21 34.63
C PHE A 146 -7.50 -4.70 35.90
N SER A 147 -7.83 -5.98 35.86
CA SER A 147 -8.45 -6.70 37.00
C SER A 147 -7.30 -7.34 37.78
N GLN A 148 -7.62 -8.17 38.74
CA GLN A 148 -6.56 -8.89 39.49
C GLN A 148 -6.51 -10.30 38.95
N TYR A 149 -7.60 -10.56 38.23
CA TYR A 149 -7.86 -11.78 37.50
C TYR A 149 -8.59 -11.43 36.23
N THR A 150 -8.55 -12.35 35.36
CA THR A 150 -9.23 -12.23 34.11
C THR A 150 -9.45 -13.63 33.57
N VAL A 151 -10.43 -13.76 32.69
CA VAL A 151 -10.68 -15.04 31.99
C VAL A 151 -10.69 -14.83 30.49
N VAL A 152 -9.64 -15.28 29.88
CA VAL A 152 -9.45 -15.23 28.42
C VAL A 152 -9.81 -16.63 27.83
N ASP A 153 -10.14 -16.72 26.50
CA ASP A 153 -10.41 -18.05 25.83
C ASP A 153 -9.06 -18.78 25.77
N GLU A 154 -8.94 -19.78 24.92
CA GLU A 154 -7.67 -20.53 24.84
C GLU A 154 -6.85 -20.05 23.65
N ILE A 155 -7.53 -19.71 22.62
CA ILE A 155 -6.87 -19.24 21.42
C ILE A 155 -6.16 -17.91 21.61
N SER A 156 -6.23 -17.29 22.76
CA SER A 156 -5.55 -15.99 22.87
C SER A 156 -4.72 -15.89 24.13
N VAL A 157 -4.11 -16.98 24.45
CA VAL A 157 -3.26 -17.05 25.61
C VAL A 157 -1.96 -17.73 25.16
N ALA A 158 -0.90 -16.96 25.12
CA ALA A 158 0.43 -17.49 24.76
C ALA A 158 1.19 -17.80 26.07
N LYS A 159 1.93 -18.88 26.01
CA LYS A 159 2.68 -19.42 27.17
C LYS A 159 4.18 -19.27 26.93
N ILE A 160 4.85 -18.54 27.83
CA ILE A 160 6.29 -18.21 27.65
C ILE A 160 7.24 -19.08 28.57
N ASP A 161 8.34 -18.48 29.08
CA ASP A 161 9.49 -19.21 29.77
C ASP A 161 9.16 -19.95 31.10
N ALA A 162 9.30 -19.23 32.20
CA ALA A 162 9.07 -19.78 33.57
C ALA A 162 10.15 -19.22 34.51
N ALA A 163 11.00 -18.47 33.87
CA ALA A 163 12.12 -17.74 34.49
C ALA A 163 12.09 -16.33 33.92
N SER A 164 10.94 -16.02 33.36
CA SER A 164 10.72 -14.79 32.59
C SER A 164 10.36 -13.56 33.43
N PRO A 165 11.07 -12.45 33.21
CA PRO A 165 10.75 -11.16 33.84
C PRO A 165 9.35 -10.65 33.43
N LEU A 166 8.28 -10.88 34.20
CA LEU A 166 6.93 -10.38 33.77
C LEU A 166 6.73 -8.90 34.10
N GLU A 167 7.67 -8.33 34.81
CA GLU A 167 7.62 -6.89 35.12
C GLU A 167 8.26 -6.14 33.96
N LYS A 168 8.90 -6.97 33.14
CA LYS A 168 9.60 -6.60 31.91
C LYS A 168 8.82 -7.05 30.71
N VAL A 169 9.07 -8.28 30.49
CA VAL A 169 8.57 -9.05 29.38
C VAL A 169 7.03 -8.94 29.17
N CYS A 170 6.37 -7.85 29.57
CA CYS A 170 4.91 -7.67 29.38
C CYS A 170 4.59 -6.69 28.26
N LEU A 171 5.69 -6.13 27.82
CA LEU A 171 5.77 -5.16 26.73
C LEU A 171 5.79 -5.92 25.37
N ILE A 172 5.61 -7.24 25.44
CA ILE A 172 5.71 -8.14 24.25
C ILE A 172 4.34 -8.64 23.83
N GLY A 173 3.43 -8.45 24.77
CA GLY A 173 2.02 -8.73 24.62
C GLY A 173 1.38 -7.55 23.87
N CYS A 174 2.26 -6.70 23.31
CA CYS A 174 1.83 -5.52 22.49
C CYS A 174 2.99 -4.51 22.24
N GLY A 175 3.10 -3.53 23.13
CA GLY A 175 4.12 -2.42 23.11
C GLY A 175 5.26 -2.60 22.07
N PHE A 176 6.23 -3.42 22.47
CA PHE A 176 7.48 -3.73 21.70
C PHE A 176 7.18 -4.38 20.36
N SER A 177 6.79 -5.63 20.43
CA SER A 177 6.61 -6.42 19.22
C SER A 177 5.41 -6.01 18.33
N THR A 178 5.14 -4.71 18.23
CA THR A 178 4.19 -4.20 17.18
C THR A 178 4.91 -3.07 16.45
N GLY A 179 5.80 -2.47 17.22
CA GLY A 179 6.68 -1.42 16.74
C GLY A 179 7.96 -2.08 16.21
N TYR A 180 8.21 -3.28 16.69
CA TYR A 180 9.38 -4.08 16.31
C TYR A 180 9.13 -4.76 14.95
N GLY A 181 7.99 -5.46 14.97
CA GLY A 181 7.46 -6.31 13.87
C GLY A 181 6.99 -5.51 12.64
N SER A 182 6.80 -4.23 12.84
CA SER A 182 6.38 -3.31 11.78
C SER A 182 7.55 -3.06 10.84
N ALA A 183 8.64 -2.77 11.51
CA ALA A 183 9.91 -2.39 10.92
C ALA A 183 10.65 -3.58 10.28
N VAL A 184 10.38 -4.78 10.76
CA VAL A 184 11.13 -5.97 10.31
C VAL A 184 10.26 -7.03 9.60
N LYS A 185 8.94 -6.82 9.61
CA LYS A 185 7.97 -7.80 9.02
C LYS A 185 7.06 -7.17 7.93
N VAL A 186 6.36 -6.15 8.37
CA VAL A 186 5.31 -5.41 7.62
C VAL A 186 5.86 -4.38 6.60
N ALA A 187 6.98 -3.76 6.94
CA ALA A 187 7.64 -2.78 6.05
C ALA A 187 8.84 -3.44 5.40
N LYS A 188 9.64 -4.03 6.28
CA LYS A 188 10.76 -4.90 5.89
C LYS A 188 12.10 -4.16 5.63
N VAL A 189 12.25 -3.05 6.33
CA VAL A 189 13.47 -2.22 6.29
C VAL A 189 14.64 -3.04 5.69
N THR A 190 15.08 -2.53 4.52
CA THR A 190 16.20 -3.07 3.73
C THR A 190 17.52 -2.63 4.39
N GLN A 191 18.48 -3.53 4.43
CA GLN A 191 19.77 -3.29 5.09
C GLN A 191 20.52 -2.05 4.49
N GLY A 192 20.45 -0.91 5.21
CA GLY A 192 21.21 0.34 4.87
C GLY A 192 20.32 1.56 4.44
N SER A 193 19.08 1.62 4.89
CA SER A 193 18.11 2.66 4.39
C SER A 193 17.91 3.88 5.28
N THR A 194 16.99 4.74 4.79
CA THR A 194 16.55 5.95 5.50
C THR A 194 15.08 5.81 5.86
N CYS A 195 14.99 5.77 7.19
CA CYS A 195 13.77 5.57 7.94
C CYS A 195 13.41 6.84 8.73
N ALA A 196 12.15 7.16 8.60
CA ALA A 196 11.52 8.26 9.32
C ALA A 196 10.38 7.68 10.18
N VAL A 197 10.43 7.96 11.46
CA VAL A 197 9.41 7.44 12.41
C VAL A 197 8.69 8.59 13.13
N PHE A 198 7.46 8.83 12.70
CA PHE A 198 6.55 9.83 13.28
C PHE A 198 5.96 9.26 14.58
N GLY A 199 6.17 9.97 15.65
CA GLY A 199 5.74 9.55 16.99
C GLY A 199 6.88 8.75 17.62
N LEU A 200 7.40 9.29 18.71
CA LEU A 200 8.55 8.70 19.42
C LEU A 200 8.16 8.12 20.78
N GLY A 201 7.02 7.45 20.80
CA GLY A 201 6.47 6.85 22.03
C GLY A 201 6.96 5.40 22.21
N GLY A 202 6.22 4.69 23.05
CA GLY A 202 6.50 3.29 23.42
C GLY A 202 6.65 2.40 22.19
N VAL A 203 5.62 2.38 21.38
CA VAL A 203 5.55 1.55 20.16
C VAL A 203 6.46 2.10 19.05
N GLY A 204 6.74 3.39 19.15
CA GLY A 204 7.52 4.13 18.15
C GLY A 204 9.03 4.17 18.45
N LEU A 205 9.44 3.39 19.42
CA LEU A 205 10.87 3.30 19.77
C LEU A 205 11.34 1.92 19.41
N SER A 206 10.37 1.04 19.46
CA SER A 206 10.54 -0.35 19.09
C SER A 206 10.59 -0.44 17.57
N VAL A 207 9.92 0.52 16.93
CA VAL A 207 9.87 0.60 15.46
C VAL A 207 11.16 1.23 14.92
N ILE A 208 11.84 1.94 15.79
CA ILE A 208 13.11 2.57 15.45
C ILE A 208 14.25 1.65 15.91
N MET A 209 13.89 0.71 16.77
CA MET A 209 14.86 -0.27 17.24
C MET A 209 14.68 -1.58 16.47
N GLY A 210 13.81 -1.50 15.48
CA GLY A 210 13.54 -2.60 14.56
C GLY A 210 14.22 -2.26 13.23
N CYS A 211 14.27 -0.96 12.97
CA CYS A 211 14.92 -0.43 11.78
C CYS A 211 16.44 -0.56 11.93
N LYS A 212 16.87 -0.28 13.16
CA LYS A 212 18.29 -0.27 13.57
C LYS A 212 18.89 -1.68 13.59
N ALA A 213 18.03 -2.67 13.61
CA ALA A 213 18.46 -4.06 13.56
C ALA A 213 18.40 -4.53 12.11
N ALA A 214 17.43 -3.95 11.43
CA ALA A 214 17.16 -4.23 10.00
C ALA A 214 18.33 -3.75 9.14
N GLY A 215 19.23 -3.08 9.83
CA GLY A 215 20.42 -2.46 9.22
C GLY A 215 20.30 -0.93 9.37
N ALA A 216 19.38 -0.40 8.58
CA ALA A 216 19.04 1.04 8.56
C ALA A 216 20.23 1.92 8.96
N ALA A 217 20.77 2.55 7.94
CA ALA A 217 21.94 3.45 8.03
C ALA A 217 21.55 4.81 8.63
N ARG A 218 20.30 5.16 8.43
CA ARG A 218 19.73 6.41 8.93
C ARG A 218 18.36 6.13 9.53
N ILE A 219 17.96 7.00 10.42
CA ILE A 219 16.67 6.89 11.12
C ILE A 219 16.39 8.19 11.86
N ILE A 220 15.37 8.87 11.42
CA ILE A 220 15.00 10.18 11.95
C ILE A 220 13.82 9.99 12.90
N GLY A 221 13.51 10.93 13.72
CA GLY A 221 12.36 10.76 14.61
C GLY A 221 11.62 12.07 14.68
N VAL A 222 10.33 12.02 14.42
CA VAL A 222 9.50 13.22 14.45
C VAL A 222 8.49 13.15 15.57
N ASP A 223 8.67 14.04 16.49
CA ASP A 223 7.80 14.20 17.65
C ASP A 223 7.73 15.69 17.98
N ILE A 224 6.58 16.13 18.46
CA ILE A 224 6.36 17.57 18.76
C ILE A 224 6.71 17.87 20.22
N ASN A 225 7.29 16.83 20.80
CA ASN A 225 7.77 16.77 22.19
C ASN A 225 9.27 16.50 22.17
N LYS A 226 10.06 17.55 22.01
CA LYS A 226 11.51 17.41 21.91
C LYS A 226 12.05 16.63 23.12
N ASP A 227 11.22 16.53 24.14
CA ASP A 227 11.57 15.80 25.37
C ASP A 227 11.82 14.29 25.05
N LYS A 228 11.25 13.80 23.95
CA LYS A 228 11.32 12.34 23.59
C LYS A 228 12.58 11.93 22.80
N PHE A 229 13.25 12.92 22.30
CA PHE A 229 14.40 12.78 21.36
C PHE A 229 15.59 11.97 21.90
N ALA A 230 15.70 11.96 23.22
CA ALA A 230 16.81 11.30 23.94
C ALA A 230 16.63 9.77 24.08
N LYS A 231 15.52 9.34 24.65
CA LYS A 231 15.25 7.90 24.85
C LYS A 231 15.28 7.19 23.50
N ALA A 232 15.28 8.10 22.53
CA ALA A 232 15.22 7.85 21.09
C ALA A 232 16.60 7.71 20.46
N LYS A 233 17.33 8.81 20.43
CA LYS A 233 18.70 8.75 19.94
C LYS A 233 19.39 7.61 20.66
N GLU A 234 18.98 7.45 21.90
CA GLU A 234 19.54 6.42 22.76
C GLU A 234 19.14 5.03 22.28
N VAL A 235 18.03 4.94 21.55
CA VAL A 235 17.58 3.64 21.02
C VAL A 235 18.14 3.33 19.63
N GLY A 236 18.71 4.30 18.94
CA GLY A 236 19.30 4.03 17.61
C GLY A 236 18.71 4.98 16.57
N ALA A 237 18.30 6.11 17.13
CA ALA A 237 17.68 7.23 16.40
C ALA A 237 18.73 8.33 16.18
N THR A 238 19.19 8.27 14.95
CA THR A 238 20.29 9.06 14.38
C THR A 238 20.01 10.60 14.30
N GLU A 239 18.85 10.98 13.76
CA GLU A 239 18.45 12.41 13.59
C GLU A 239 17.00 12.61 14.01
N CYS A 240 16.77 13.50 14.93
CA CYS A 240 15.41 13.78 15.48
C CYS A 240 14.93 15.16 15.00
N VAL A 241 13.73 15.18 14.43
CA VAL A 241 13.11 16.42 13.90
C VAL A 241 11.77 16.71 14.59
N ASN A 242 11.67 17.97 14.98
CA ASN A 242 10.48 18.56 15.63
C ASN A 242 9.81 19.48 14.61
N PRO A 243 8.66 19.08 14.05
CA PRO A 243 7.99 19.85 13.02
C PRO A 243 7.59 21.26 13.42
N GLN A 244 7.63 21.54 14.71
CA GLN A 244 7.19 22.85 15.27
C GLN A 244 8.24 23.95 15.13
N ASP A 245 9.46 23.50 14.96
CA ASP A 245 10.63 24.38 14.85
C ASP A 245 10.80 24.89 13.42
N TYR A 246 9.91 24.39 12.57
CA TYR A 246 9.96 24.63 11.11
C TYR A 246 8.80 25.47 10.55
N LYS A 247 9.18 26.29 9.59
CA LYS A 247 8.28 27.19 8.84
C LYS A 247 7.55 26.40 7.73
N LYS A 248 8.35 25.77 6.85
CA LYS A 248 7.82 24.99 5.70
C LYS A 248 7.23 23.65 6.18
N PRO A 249 6.30 23.03 5.40
CA PRO A 249 5.65 21.77 5.78
C PRO A 249 6.73 20.74 6.05
N ILE A 250 6.40 19.77 6.89
CA ILE A 250 7.40 18.78 7.38
C ILE A 250 7.72 17.65 6.37
N GLN A 251 6.82 17.35 5.47
CA GLN A 251 7.10 16.33 4.43
C GLN A 251 8.35 16.78 3.64
N GLU A 252 8.32 18.07 3.32
CA GLU A 252 9.39 18.80 2.57
C GLU A 252 10.76 18.60 3.22
N VAL A 253 10.84 19.07 4.46
CA VAL A 253 12.03 18.98 5.33
C VAL A 253 12.52 17.55 5.37
N LEU A 254 11.58 16.69 5.69
CA LEU A 254 11.82 15.26 5.75
C LEU A 254 12.23 14.78 4.38
N THR A 255 11.70 15.43 3.38
CA THR A 255 11.98 15.00 2.02
C THR A 255 13.26 15.72 1.47
N GLU A 256 13.69 16.82 2.12
CA GLU A 256 14.92 17.62 1.75
C GLU A 256 16.17 17.03 2.45
N MET A 257 15.90 16.25 3.49
CA MET A 257 16.93 15.57 4.31
C MET A 257 17.50 14.40 3.49
N SER A 258 16.62 13.46 3.24
CA SER A 258 16.90 12.29 2.40
C SER A 258 16.55 12.64 0.89
N ASN A 259 16.21 13.94 0.61
CA ASN A 259 15.68 14.48 -0.73
C ASN A 259 15.39 13.38 -1.73
N GLY A 260 14.10 13.30 -1.91
CA GLY A 260 13.42 12.33 -2.73
C GLY A 260 12.42 11.66 -1.81
N GLY A 261 12.90 11.52 -0.59
CA GLY A 261 12.14 10.89 0.48
C GLY A 261 12.91 9.70 1.02
N VAL A 262 12.42 9.29 2.16
CA VAL A 262 12.96 8.18 2.95
C VAL A 262 12.42 6.83 2.40
N ASP A 263 13.29 5.84 2.32
CA ASP A 263 12.92 4.51 1.82
C ASP A 263 11.64 4.01 2.51
N PHE A 264 11.68 4.05 3.85
CA PHE A 264 10.55 3.63 4.72
C PHE A 264 10.22 4.71 5.75
N SER A 265 8.95 4.80 6.05
CA SER A 265 8.42 5.74 7.05
C SER A 265 7.27 5.07 7.78
N PHE A 266 7.17 5.32 9.05
CA PHE A 266 6.10 4.70 9.84
C PHE A 266 5.37 5.75 10.67
N GLU A 267 4.07 5.62 10.71
CA GLU A 267 3.21 6.49 11.53
C GLU A 267 2.77 5.69 12.79
N VAL A 268 3.23 6.14 13.99
CA VAL A 268 2.83 5.52 15.30
C VAL A 268 2.34 6.61 16.28
N ILE A 269 1.20 7.17 15.88
CA ILE A 269 0.42 8.20 16.60
C ILE A 269 -1.05 7.87 16.37
N GLY A 270 -1.38 7.91 15.08
CA GLY A 270 -2.72 7.59 14.59
C GLY A 270 -3.56 8.86 14.37
N ARG A 271 -3.01 9.72 13.53
CA ARG A 271 -3.65 10.98 13.11
C ARG A 271 -3.77 10.97 11.59
N LEU A 272 -4.99 11.10 11.15
CA LEU A 272 -5.33 11.05 9.71
C LEU A 272 -4.41 11.95 8.87
N ASP A 273 -3.96 13.04 9.48
CA ASP A 273 -3.14 14.05 8.77
C ASP A 273 -1.66 13.61 8.66
N THR A 274 -1.16 12.99 9.71
CA THR A 274 0.23 12.48 9.79
C THR A 274 0.33 11.14 9.05
N MET A 275 -0.82 10.51 8.99
CA MET A 275 -1.02 9.21 8.34
C MET A 275 -0.87 9.39 6.83
N VAL A 276 -0.97 10.63 6.40
CA VAL A 276 -0.73 10.95 4.99
C VAL A 276 0.65 11.65 4.88
N THR A 277 0.96 12.58 5.79
CA THR A 277 2.26 13.33 5.76
C THR A 277 3.47 12.37 5.69
N ALA A 278 3.25 11.17 6.21
CA ALA A 278 4.28 10.10 6.26
C ALA A 278 4.42 9.40 4.89
N LEU A 279 3.35 9.47 4.13
CA LEU A 279 3.26 8.88 2.78
C LEU A 279 3.88 9.83 1.74
N SER A 280 3.70 11.11 2.01
CA SER A 280 4.19 12.19 1.15
C SER A 280 5.70 12.38 1.29
N CYS A 281 6.21 12.00 2.44
CA CYS A 281 7.63 12.19 2.80
C CYS A 281 8.53 11.03 2.30
N CYS A 282 7.96 9.96 1.75
CA CYS A 282 8.82 8.88 1.16
C CYS A 282 8.91 9.07 -0.39
N GLN A 283 9.48 8.05 -1.06
CA GLN A 283 9.85 8.05 -2.51
C GLN A 283 8.80 7.48 -3.50
N GLU A 284 8.36 8.44 -4.34
CA GLU A 284 7.35 8.29 -5.43
C GLU A 284 7.32 6.89 -6.04
N ALA A 285 8.53 6.43 -6.25
CA ALA A 285 8.83 5.24 -7.05
C ALA A 285 9.08 3.95 -6.27
N TYR A 286 9.42 4.04 -5.01
CA TYR A 286 9.68 2.83 -4.23
C TYR A 286 9.63 3.11 -2.72
N GLY A 287 8.85 4.10 -2.34
CA GLY A 287 8.69 4.48 -0.92
C GLY A 287 7.53 3.69 -0.27
N VAL A 288 7.92 2.89 0.77
CA VAL A 288 7.00 1.98 1.53
C VAL A 288 6.62 2.51 2.95
N SER A 289 5.57 3.32 2.97
CA SER A 289 5.04 3.90 4.22
C SER A 289 3.97 2.96 4.82
N VAL A 290 4.18 2.65 6.09
CA VAL A 290 3.29 1.75 6.86
C VAL A 290 2.70 2.50 8.06
N ILE A 291 1.45 2.21 8.36
CA ILE A 291 0.75 2.84 9.49
C ILE A 291 0.45 1.77 10.55
N VAL A 292 0.95 2.11 11.72
CA VAL A 292 0.87 1.28 12.92
C VAL A 292 -0.33 1.70 13.79
N GLY A 293 -0.42 3.05 13.90
CA GLY A 293 -1.39 3.85 14.72
C GLY A 293 -2.87 3.39 14.61
N VAL A 294 -3.76 4.12 15.33
CA VAL A 294 -5.23 3.81 15.43
C VAL A 294 -6.11 5.09 15.47
N PRO A 295 -6.63 5.59 14.32
CA PRO A 295 -7.36 6.87 14.27
C PRO A 295 -8.73 6.97 14.92
N PRO A 296 -9.13 8.25 15.07
CA PRO A 296 -10.39 8.65 15.61
C PRO A 296 -11.43 8.13 14.68
N ASP A 297 -11.97 7.02 15.16
CA ASP A 297 -12.99 6.17 14.51
C ASP A 297 -13.11 6.38 13.01
N SER A 298 -14.39 6.29 12.65
CA SER A 298 -14.91 6.45 11.30
C SER A 298 -14.54 7.83 10.76
N GLN A 299 -13.26 8.01 10.53
CA GLN A 299 -12.71 9.30 10.04
C GLN A 299 -11.89 9.08 8.77
N ASN A 300 -12.17 9.94 7.81
CA ASN A 300 -11.60 9.81 6.47
C ASN A 300 -10.50 10.81 6.17
N LEU A 301 -9.43 10.21 5.63
CA LEU A 301 -8.25 10.96 5.19
C LEU A 301 -8.47 11.35 3.72
N SER A 302 -8.06 12.58 3.44
CA SER A 302 -8.15 13.17 2.11
C SER A 302 -6.81 13.06 1.40
N MET A 303 -6.71 11.99 0.62
CA MET A 303 -5.51 11.65 -0.16
C MET A 303 -5.77 11.72 -1.66
N ASN A 304 -4.66 11.86 -2.34
CA ASN A 304 -4.57 11.94 -3.81
C ASN A 304 -4.10 10.59 -4.35
N PRO A 305 -4.90 9.89 -5.16
CA PRO A 305 -4.50 8.57 -5.65
C PRO A 305 -3.22 8.60 -6.48
N MET A 306 -2.67 9.78 -6.67
CA MET A 306 -1.47 9.95 -7.52
C MET A 306 -0.17 9.70 -6.70
N LEU A 307 -0.34 9.92 -5.41
CA LEU A 307 0.69 9.73 -4.37
C LEU A 307 1.23 8.30 -4.46
N LEU A 308 0.26 7.43 -4.67
CA LEU A 308 0.45 5.98 -4.75
C LEU A 308 0.84 5.50 -6.16
N LEU A 309 0.33 6.20 -7.16
CA LEU A 309 0.45 5.80 -8.59
C LEU A 309 1.89 5.65 -9.15
N SER A 310 2.81 6.48 -8.68
CA SER A 310 4.23 6.43 -9.11
C SER A 310 4.88 5.14 -8.62
N GLY A 311 4.49 4.66 -7.44
CA GLY A 311 5.00 3.35 -6.99
C GLY A 311 5.23 3.21 -5.48
N ARG A 312 4.37 3.79 -4.68
CA ARG A 312 4.50 3.63 -3.22
C ARG A 312 3.53 2.58 -2.72
N THR A 313 4.05 1.65 -1.96
CA THR A 313 3.22 0.64 -1.36
C THR A 313 2.86 1.19 0.07
N TRP A 314 1.53 1.26 0.33
CA TRP A 314 0.90 1.68 1.64
C TRP A 314 0.39 0.41 2.32
N LYS A 315 0.78 0.22 3.56
CA LYS A 315 0.37 -0.95 4.33
C LYS A 315 -0.15 -0.52 5.69
N GLY A 316 -0.44 -1.50 6.49
CA GLY A 316 -0.95 -1.30 7.82
C GLY A 316 -0.79 -2.58 8.57
N ALA A 317 -0.87 -2.45 9.87
CA ALA A 317 -0.70 -3.60 10.68
C ALA A 317 -1.12 -3.42 12.11
N ILE A 318 -1.74 -4.48 12.52
CA ILE A 318 -2.09 -4.73 13.90
C ILE A 318 -1.11 -5.81 14.37
N PHE A 319 -0.48 -5.48 15.49
CA PHE A 319 0.64 -6.24 16.04
C PHE A 319 1.80 -5.91 15.10
N GLY A 320 2.68 -6.84 14.92
CA GLY A 320 3.79 -6.65 13.98
C GLY A 320 3.57 -7.57 12.79
N GLY A 321 2.30 -7.93 12.65
CA GLY A 321 1.87 -8.89 11.62
C GLY A 321 2.39 -10.26 12.05
N PHE A 322 2.57 -10.31 13.36
CA PHE A 322 3.09 -11.47 14.08
C PHE A 322 1.94 -12.44 14.41
N LYS A 323 2.02 -13.64 13.84
CA LYS A 323 1.05 -14.71 14.15
C LYS A 323 1.11 -14.87 15.68
N SER A 324 0.06 -14.37 16.31
CA SER A 324 -0.08 -14.25 17.79
C SER A 324 0.39 -15.46 18.65
N LYS A 325 -0.14 -16.65 18.44
CA LYS A 325 0.15 -17.76 19.39
C LYS A 325 1.41 -18.59 19.08
N ASP A 326 2.20 -18.20 18.11
CA ASP A 326 3.51 -18.84 17.92
C ASP A 326 4.59 -17.82 17.67
N SER A 327 4.25 -16.60 17.88
CA SER A 327 5.26 -15.56 17.74
C SER A 327 5.57 -14.90 19.12
N VAL A 328 4.61 -14.91 20.07
CA VAL A 328 4.81 -14.24 21.40
C VAL A 328 5.76 -15.07 22.31
N PRO A 329 5.65 -16.41 22.34
CA PRO A 329 6.59 -17.26 23.09
C PRO A 329 8.00 -17.18 22.55
N LYS A 330 8.07 -17.20 21.22
CA LYS A 330 9.34 -17.18 20.45
C LYS A 330 10.06 -15.87 20.65
N LEU A 331 9.28 -14.85 20.85
CA LEU A 331 9.81 -13.51 20.99
C LEU A 331 10.26 -13.22 22.43
N VAL A 332 10.18 -14.21 23.31
CA VAL A 332 10.59 -14.01 24.72
C VAL A 332 11.95 -14.64 25.02
N ALA A 333 12.15 -15.82 24.43
CA ALA A 333 13.39 -16.62 24.60
C ALA A 333 14.61 -15.84 24.08
N ASP A 334 14.25 -14.76 23.40
CA ASP A 334 15.16 -13.83 22.70
C ASP A 334 15.63 -12.68 23.59
N PHE A 335 14.66 -12.18 24.32
CA PHE A 335 14.86 -11.11 25.29
C PHE A 335 15.69 -11.70 26.40
N MET A 336 15.29 -12.91 26.69
CA MET A 336 15.94 -13.74 27.68
C MET A 336 17.34 -14.06 27.19
N ALA A 337 17.50 -13.95 25.89
CA ALA A 337 18.77 -14.28 25.22
C ALA A 337 19.43 -13.01 24.63
N LYS A 338 19.05 -11.90 25.20
CA LYS A 338 19.64 -10.59 24.94
C LYS A 338 19.69 -10.21 23.44
N LYS A 339 18.58 -10.56 22.81
CA LYS A 339 18.26 -10.19 21.44
C LYS A 339 17.96 -8.68 21.47
N PHE A 340 17.12 -8.26 22.42
CA PHE A 340 16.77 -6.83 22.55
C PHE A 340 16.73 -6.41 24.02
N ALA A 341 16.29 -5.18 24.20
CA ALA A 341 16.17 -4.55 25.50
C ALA A 341 14.83 -3.86 25.61
N LEU A 342 14.15 -4.25 26.66
CA LEU A 342 12.82 -3.76 27.01
C LEU A 342 12.91 -2.61 28.02
N ASP A 343 14.09 -2.38 28.56
CA ASP A 343 14.30 -1.43 29.69
C ASP A 343 14.30 0.04 29.29
N PRO A 344 14.95 0.40 28.22
CA PRO A 344 14.99 1.78 27.79
C PRO A 344 13.60 2.41 27.51
N LEU A 345 12.53 1.61 27.44
CA LEU A 345 11.15 2.15 27.15
C LEU A 345 10.51 2.67 28.47
N ILE A 346 10.36 1.68 29.34
CA ILE A 346 9.85 1.74 30.73
C ILE A 346 10.37 2.98 31.48
N THR A 347 9.47 3.85 31.88
CA THR A 347 9.84 5.14 32.53
C THR A 347 9.39 5.19 34.00
N HIS A 348 8.41 4.35 34.27
CA HIS A 348 7.78 4.21 35.58
C HIS A 348 7.27 2.78 35.77
N VAL A 349 7.04 2.48 37.02
CA VAL A 349 6.50 1.20 37.47
C VAL A 349 5.66 1.54 38.71
N LEU A 350 4.39 1.80 38.47
CA LEU A 350 3.45 2.26 39.52
C LEU A 350 2.64 1.12 40.16
N PRO A 351 2.13 1.23 41.42
CA PRO A 351 1.21 0.23 41.92
C PRO A 351 -0.09 0.31 41.15
N PHE A 352 -0.74 -0.80 40.97
CA PHE A 352 -2.04 -0.85 40.24
C PHE A 352 -2.90 0.45 40.57
N GLU A 353 -3.56 0.42 41.72
CA GLU A 353 -4.51 1.45 42.30
C GLU A 353 -4.19 2.98 42.02
N LYS A 354 -3.00 3.24 41.44
CA LYS A 354 -2.50 4.59 41.03
C LYS A 354 -2.45 4.63 39.52
N ILE A 355 -3.25 3.77 39.03
CA ILE A 355 -3.40 3.55 37.63
C ILE A 355 -4.05 4.77 37.02
N ASN A 356 -4.39 5.72 37.83
CA ASN A 356 -5.01 6.90 37.28
C ASN A 356 -3.98 8.04 37.07
N GLU A 357 -2.76 7.86 37.59
CA GLU A 357 -1.65 8.83 37.37
C GLU A 357 -0.79 8.29 36.26
N GLY A 358 -0.99 6.99 36.15
CA GLY A 358 -0.36 6.16 35.14
C GLY A 358 -0.75 6.67 33.77
N PHE A 359 -2.05 6.85 33.59
CA PHE A 359 -2.59 7.35 32.31
C PHE A 359 -2.24 8.81 32.15
N ASP A 360 -2.36 9.48 33.25
CA ASP A 360 -2.11 10.91 33.35
C ASP A 360 -0.61 11.31 33.13
N LEU A 361 0.28 10.35 32.78
CA LEU A 361 1.74 10.62 32.54
C LEU A 361 2.03 10.59 31.07
N LEU A 362 1.36 9.58 30.60
CA LEU A 362 1.29 9.20 29.23
C LEU A 362 0.66 10.32 28.49
N ARG A 363 -0.51 10.62 28.89
CA ARG A 363 -1.25 11.62 28.21
C ARG A 363 -0.99 12.96 28.77
N SER A 364 -0.87 13.04 30.04
CA SER A 364 -0.62 14.36 30.54
C SER A 364 0.79 14.74 30.17
N GLY A 365 1.44 13.96 29.30
CA GLY A 365 2.76 14.39 28.80
C GLY A 365 3.78 13.29 28.58
N GLU A 366 4.99 13.71 28.84
CA GLU A 366 6.19 12.89 28.70
C GLU A 366 6.34 11.98 29.92
N SER A 367 6.62 10.71 29.58
CA SER A 367 6.92 9.57 30.53
C SER A 367 6.09 8.32 30.08
N ILE A 368 6.73 7.86 29.00
CA ILE A 368 6.48 6.84 27.91
C ILE A 368 5.81 5.44 28.22
N ARG A 369 6.39 4.55 29.02
CA ARG A 369 5.69 3.27 29.37
C ARG A 369 5.89 2.94 30.84
N THR A 370 4.83 3.24 31.57
CA THR A 370 4.72 2.92 32.99
C THR A 370 4.30 1.46 33.07
N ILE A 371 4.51 0.85 34.19
CA ILE A 371 4.04 -0.52 34.36
C ILE A 371 3.46 -0.68 35.75
N LEU A 372 2.16 -0.68 35.75
CA LEU A 372 1.39 -0.88 36.95
C LEU A 372 1.61 -2.31 37.42
N THR A 373 2.01 -2.47 38.64
CA THR A 373 2.19 -3.82 39.20
C THR A 373 1.02 -4.14 40.14
N PHE A 374 0.61 -5.41 40.08
CA PHE A 374 -0.58 -5.92 40.80
C PHE A 374 -0.37 -6.46 42.18
N SER B 1 13.92 10.52 -47.73
CA SER B 1 14.06 11.19 -46.45
C SER B 1 15.12 12.15 -46.47
N THR B 2 16.18 11.77 -47.05
CA THR B 2 17.12 12.79 -47.20
C THR B 2 17.19 13.49 -45.81
N ALA B 3 17.84 12.80 -44.84
CA ALA B 3 17.87 13.23 -43.41
C ALA B 3 19.21 13.86 -42.97
N GLY B 4 19.06 15.14 -42.68
CA GLY B 4 20.14 16.00 -42.23
C GLY B 4 19.57 17.27 -41.57
N LYS B 5 18.40 17.73 -42.02
CA LYS B 5 17.87 18.99 -41.47
C LYS B 5 16.45 19.39 -41.96
N VAL B 6 15.54 19.18 -41.01
CA VAL B 6 14.11 19.51 -41.05
C VAL B 6 13.35 18.91 -42.18
N ILE B 7 12.18 18.68 -41.74
CA ILE B 7 11.19 17.97 -42.43
C ILE B 7 9.85 18.57 -42.09
N LYS B 8 8.93 18.18 -42.92
CA LYS B 8 7.55 18.59 -42.81
C LYS B 8 6.68 17.37 -43.03
N CYS B 9 5.63 17.31 -42.27
CA CYS B 9 4.77 16.19 -42.30
C CYS B 9 3.47 16.39 -41.60
N LYS B 10 2.77 15.29 -41.57
CA LYS B 10 1.48 15.22 -40.98
C LYS B 10 1.59 14.72 -39.58
N ALA B 11 0.92 15.55 -38.84
CA ALA B 11 0.74 15.45 -37.43
C ALA B 11 -0.70 15.77 -37.12
N ALA B 12 -1.11 15.03 -36.12
CA ALA B 12 -2.42 15.13 -35.51
C ALA B 12 -2.30 15.99 -34.25
N VAL B 13 -2.43 17.29 -34.41
CA VAL B 13 -2.32 18.23 -33.27
C VAL B 13 -3.69 18.35 -32.57
N LEU B 14 -3.61 18.85 -31.35
CA LEU B 14 -4.75 19.01 -30.41
C LEU B 14 -4.58 20.39 -29.77
N TRP B 15 -4.96 21.34 -30.57
CA TRP B 15 -4.81 22.76 -30.32
C TRP B 15 -5.55 23.21 -29.06
N GLU B 16 -6.59 22.49 -28.75
CA GLU B 16 -7.51 22.86 -27.68
C GLU B 16 -8.14 21.62 -27.03
N GLU B 17 -8.24 21.75 -25.72
CA GLU B 17 -8.91 20.78 -24.84
C GLU B 17 -10.38 20.70 -25.26
N LYS B 18 -10.83 19.52 -25.63
CA LYS B 18 -12.24 19.34 -25.97
C LYS B 18 -12.50 19.15 -27.48
N LYS B 19 -11.60 19.63 -28.30
CA LYS B 19 -11.78 19.57 -29.77
C LYS B 19 -10.99 18.44 -30.41
N PRO B 20 -11.42 17.94 -31.58
CA PRO B 20 -10.71 16.87 -32.27
C PRO B 20 -9.30 17.26 -32.65
N PHE B 21 -8.58 16.22 -33.07
CA PHE B 21 -7.17 16.29 -33.51
C PHE B 21 -7.12 16.80 -34.99
N SER B 22 -6.38 17.91 -35.21
CA SER B 22 -6.16 18.44 -36.58
C SER B 22 -4.82 18.02 -37.09
N ILE B 23 -4.97 17.26 -38.14
CA ILE B 23 -3.90 16.76 -38.93
C ILE B 23 -3.55 17.90 -39.86
N GLU B 24 -2.68 18.66 -39.27
CA GLU B 24 -1.97 19.77 -39.81
C GLU B 24 -0.73 19.21 -40.44
N GLU B 25 -0.11 20.02 -41.25
CA GLU B 25 1.25 19.73 -41.67
C GLU B 25 2.04 20.35 -40.53
N VAL B 26 3.11 19.73 -40.23
CA VAL B 26 3.92 20.13 -39.10
C VAL B 26 5.36 19.91 -39.51
N GLU B 27 6.23 20.82 -39.18
CA GLU B 27 7.63 20.68 -39.60
C GLU B 27 8.51 20.44 -38.35
N VAL B 28 9.03 19.19 -38.39
CA VAL B 28 9.85 18.48 -37.36
C VAL B 28 11.37 18.54 -37.66
N ALA B 29 12.14 19.18 -36.77
CA ALA B 29 13.59 19.41 -37.00
C ALA B 29 14.48 18.24 -36.64
N PRO B 30 15.73 18.36 -37.08
CA PRO B 30 16.75 17.33 -36.92
C PRO B 30 17.09 17.00 -35.48
N PRO B 31 17.49 15.72 -35.23
CA PRO B 31 17.91 15.26 -33.91
C PRO B 31 19.11 16.06 -33.45
N LYS B 32 19.12 16.45 -32.20
CA LYS B 32 20.20 17.29 -31.68
C LYS B 32 21.31 16.46 -31.07
N ALA B 33 21.96 17.14 -30.19
CA ALA B 33 23.05 16.60 -29.44
C ALA B 33 22.58 15.42 -28.58
N HIS B 34 22.30 14.29 -29.22
CA HIS B 34 22.02 13.02 -28.48
C HIS B 34 20.77 12.22 -28.90
N GLU B 35 19.73 12.92 -29.35
CA GLU B 35 18.44 12.28 -29.71
C GLU B 35 18.53 11.43 -31.03
N VAL B 36 17.36 10.83 -31.34
CA VAL B 36 17.09 10.02 -32.57
C VAL B 36 15.69 10.38 -33.15
N ARG B 37 15.68 10.49 -34.49
CA ARG B 37 14.49 10.77 -35.30
C ARG B 37 13.95 9.47 -35.83
N ILE B 38 12.67 9.37 -35.77
CA ILE B 38 11.98 8.14 -36.10
C ILE B 38 10.81 8.49 -37.07
N LYS B 39 10.56 7.61 -38.05
CA LYS B 39 9.35 7.65 -38.91
C LYS B 39 8.50 6.55 -38.36
N MET B 40 7.26 6.83 -38.19
CA MET B 40 6.36 5.90 -37.52
C MET B 40 5.76 4.88 -38.44
N VAL B 41 5.80 3.67 -37.94
CA VAL B 41 5.13 2.57 -38.58
C VAL B 41 3.67 2.57 -37.99
N ALA B 42 3.42 2.05 -36.74
CA ALA B 42 2.01 2.04 -36.11
C ALA B 42 1.93 2.81 -34.71
N THR B 43 0.67 2.91 -34.17
CA THR B 43 0.28 3.60 -32.86
C THR B 43 -1.08 3.12 -32.37
N GLY B 44 -1.22 3.01 -31.08
CA GLY B 44 -2.50 2.63 -30.50
C GLY B 44 -3.06 3.83 -29.76
N ILE B 45 -4.35 3.81 -29.57
CA ILE B 45 -5.04 4.86 -28.83
C ILE B 45 -5.33 4.37 -27.43
N CYS B 46 -4.52 4.77 -26.51
CA CYS B 46 -4.43 4.38 -25.06
C CYS B 46 -5.46 5.60 -24.50
N ARG B 47 -6.24 5.29 -23.51
CA ARG B 47 -7.11 6.27 -22.85
C ARG B 47 -6.39 7.51 -22.39
N SER B 48 -5.16 7.30 -21.97
CA SER B 48 -4.30 8.37 -21.48
C SER B 48 -4.09 9.40 -22.57
N ASP B 49 -4.20 8.93 -23.79
CA ASP B 49 -4.12 9.78 -24.98
C ASP B 49 -5.44 10.63 -25.06
N ASP B 50 -6.47 10.14 -24.34
CA ASP B 50 -7.87 10.68 -24.32
C ASP B 50 -8.09 11.69 -23.18
N HIS B 51 -7.32 11.43 -22.15
CA HIS B 51 -7.25 12.21 -20.92
C HIS B 51 -6.72 13.61 -21.24
N VAL B 52 -5.65 13.68 -22.01
CA VAL B 52 -5.11 14.98 -22.41
C VAL B 52 -6.22 15.81 -23.04
N VAL B 53 -7.10 15.12 -23.72
CA VAL B 53 -8.20 15.76 -24.46
C VAL B 53 -9.34 16.25 -23.55
N SER B 54 -9.68 15.47 -22.54
CA SER B 54 -10.80 15.80 -21.62
C SER B 54 -10.56 17.12 -20.91
N GLY B 55 -9.44 17.02 -20.21
CA GLY B 55 -8.85 18.03 -19.35
C GLY B 55 -8.37 17.36 -18.06
N THR B 56 -8.34 16.03 -18.09
CA THR B 56 -8.02 15.24 -16.88
C THR B 56 -6.53 14.80 -16.82
N LEU B 57 -5.80 15.00 -17.89
CA LEU B 57 -4.36 14.67 -17.96
C LEU B 57 -3.68 15.87 -18.62
N VAL B 58 -3.23 16.74 -17.71
CA VAL B 58 -2.69 18.05 -18.06
C VAL B 58 -1.21 18.18 -18.15
N THR B 59 -0.93 18.06 -19.43
CA THR B 59 0.27 18.52 -20.03
C THR B 59 -0.13 19.76 -20.79
N PRO B 60 0.81 20.61 -21.01
CA PRO B 60 0.65 21.81 -21.81
C PRO B 60 0.30 21.55 -23.27
N LEU B 61 -0.27 22.66 -23.81
CA LEU B 61 -0.81 22.78 -25.18
C LEU B 61 -0.37 24.07 -25.88
N PRO B 62 -0.49 24.07 -27.24
CA PRO B 62 -0.95 22.88 -28.00
C PRO B 62 0.09 21.74 -28.01
N VAL B 63 -0.43 20.45 -28.22
CA VAL B 63 0.44 19.19 -28.26
C VAL B 63 0.06 18.04 -29.24
N ILE B 64 1.13 17.41 -29.78
CA ILE B 64 0.99 16.11 -30.48
C ILE B 64 0.92 15.07 -29.37
N ALA B 65 -0.22 14.44 -29.21
CA ALA B 65 -0.35 13.39 -28.17
C ALA B 65 0.41 12.11 -28.63
N GLY B 66 -0.05 10.95 -28.15
CA GLY B 66 0.50 9.59 -28.52
C GLY B 66 1.77 9.20 -27.73
N HIS B 67 1.89 7.88 -27.41
CA HIS B 67 3.06 7.31 -26.66
C HIS B 67 3.21 5.76 -26.83
N GLU B 68 2.25 5.15 -27.49
CA GLU B 68 2.20 3.69 -27.75
C GLU B 68 2.48 3.45 -29.25
N ALA B 69 3.75 3.32 -29.60
CA ALA B 69 4.11 3.21 -31.03
C ALA B 69 5.48 2.55 -31.29
N ALA B 70 5.54 1.87 -32.43
CA ALA B 70 6.79 1.27 -32.94
C ALA B 70 7.11 1.97 -34.28
N GLY B 71 8.42 2.00 -34.63
CA GLY B 71 8.92 2.66 -35.87
C GLY B 71 10.40 2.28 -36.17
N ILE B 72 11.01 3.02 -37.11
CA ILE B 72 12.44 2.88 -37.47
C ILE B 72 13.07 4.27 -37.61
N VAL B 73 14.36 4.24 -37.33
CA VAL B 73 15.26 5.38 -37.38
C VAL B 73 15.71 5.65 -38.79
N GLU B 74 15.83 6.92 -38.81
CA GLU B 74 16.24 7.83 -39.81
C GLU B 74 17.58 8.37 -39.38
N SER B 75 17.42 9.49 -38.75
CA SER B 75 18.49 10.23 -38.14
C SER B 75 18.80 9.63 -36.79
N ILE B 76 19.94 10.08 -36.35
CA ILE B 76 20.56 9.79 -35.08
C ILE B 76 21.60 10.91 -34.91
N GLY B 77 21.64 11.45 -33.68
CA GLY B 77 22.47 12.60 -33.27
C GLY B 77 23.90 12.19 -32.88
N GLU B 78 24.52 13.02 -32.04
CA GLU B 78 25.93 12.82 -31.63
C GLU B 78 26.05 12.44 -30.14
N GLY B 79 26.99 11.52 -29.91
CA GLY B 79 27.30 10.90 -28.59
C GLY B 79 26.33 9.73 -28.40
N VAL B 80 26.32 8.90 -29.42
CA VAL B 80 25.33 7.84 -29.56
C VAL B 80 25.88 6.51 -30.13
N THR B 81 25.40 5.42 -29.55
CA THR B 81 25.69 4.03 -29.99
C THR B 81 24.76 3.06 -29.23
N THR B 82 23.49 3.48 -29.28
CA THR B 82 22.33 2.77 -28.71
C THR B 82 21.47 2.19 -29.88
N VAL B 83 20.92 3.11 -30.71
CA VAL B 83 20.11 2.75 -31.93
C VAL B 83 20.65 3.53 -33.17
N ARG B 84 21.12 2.78 -34.17
CA ARG B 84 21.70 3.34 -35.45
C ARG B 84 20.61 3.54 -36.52
N PRO B 85 20.77 4.46 -37.51
CA PRO B 85 19.72 4.72 -38.55
C PRO B 85 19.31 3.48 -39.38
N GLY B 86 17.95 3.29 -39.46
CA GLY B 86 17.23 2.18 -40.21
C GLY B 86 17.03 0.94 -39.29
N ASP B 87 16.67 1.27 -38.05
CA ASP B 87 16.65 0.34 -36.88
C ASP B 87 15.37 0.44 -36.02
N LYS B 88 14.54 -0.57 -36.01
CA LYS B 88 13.26 -0.53 -35.25
C LYS B 88 13.46 -0.13 -33.80
N VAL B 89 12.49 0.65 -33.35
CA VAL B 89 12.52 1.29 -32.04
C VAL B 89 11.10 1.46 -31.49
N ILE B 90 10.99 1.42 -30.17
CA ILE B 90 9.71 1.71 -29.53
C ILE B 90 9.94 2.91 -28.60
N PRO B 91 9.30 4.04 -28.88
CA PRO B 91 9.45 5.22 -28.04
C PRO B 91 9.00 4.83 -26.65
N LEU B 92 9.63 5.40 -25.61
CA LEU B 92 9.22 5.10 -24.19
C LEU B 92 8.78 6.41 -23.47
N PHE B 93 7.72 6.30 -22.62
CA PHE B 93 7.10 7.49 -21.93
C PHE B 93 7.61 7.69 -20.46
N THR B 94 8.19 6.66 -19.89
CA THR B 94 8.83 6.70 -18.54
C THR B 94 10.29 6.29 -18.78
N PRO B 95 11.22 7.24 -19.02
CA PRO B 95 12.57 6.88 -19.45
C PRO B 95 13.35 6.08 -18.46
N GLN B 96 14.61 6.17 -18.77
CA GLN B 96 15.71 5.64 -18.00
C GLN B 96 16.74 6.78 -17.94
N CYS B 97 17.86 6.44 -17.39
CA CYS B 97 19.08 7.28 -17.42
C CYS B 97 20.18 6.35 -16.93
N GLY B 98 19.94 5.75 -15.77
CA GLY B 98 20.93 4.86 -15.13
C GLY B 98 21.84 5.76 -14.30
N LYS B 99 21.41 7.00 -14.36
CA LYS B 99 22.00 8.16 -13.70
C LYS B 99 21.44 8.27 -12.28
N CYS B 100 20.14 8.18 -12.22
CA CYS B 100 19.36 8.39 -11.03
C CYS B 100 18.90 7.17 -10.27
N ARG B 101 18.60 7.57 -9.02
CA ARG B 101 18.13 6.75 -7.88
C ARG B 101 17.23 5.62 -8.24
N VAL B 102 16.08 6.04 -8.69
CA VAL B 102 15.05 5.13 -9.09
C VAL B 102 15.59 4.20 -10.15
N CYS B 103 16.54 4.73 -10.91
CA CYS B 103 17.13 4.00 -12.05
C CYS B 103 18.19 2.99 -11.57
N LYS B 104 18.96 3.42 -10.57
CA LYS B 104 20.03 2.61 -9.93
C LYS B 104 19.38 1.56 -8.99
N HIS B 105 18.22 1.96 -8.44
CA HIS B 105 17.39 1.14 -7.50
C HIS B 105 16.84 -0.04 -8.28
N PRO B 106 16.97 -1.23 -7.71
CA PRO B 106 16.57 -2.45 -8.34
C PRO B 106 15.10 -2.55 -8.54
N GLU B 107 14.36 -1.69 -7.90
CA GLU B 107 12.91 -1.84 -7.94
C GLU B 107 12.23 -0.54 -8.45
N GLY B 108 12.97 0.54 -8.60
CA GLY B 108 12.38 1.80 -9.12
C GLY B 108 12.09 1.67 -10.64
N ASN B 109 10.90 2.12 -11.04
CA ASN B 109 10.49 2.12 -12.47
C ASN B 109 10.28 3.61 -12.95
N PHE B 110 10.02 4.54 -11.97
CA PHE B 110 9.82 6.01 -12.21
C PHE B 110 11.20 6.75 -12.15
N CYS B 111 11.87 6.72 -13.30
CA CYS B 111 13.25 7.25 -13.54
C CYS B 111 13.58 8.50 -12.75
N LEU B 112 12.90 9.56 -13.10
CA LEU B 112 13.06 10.85 -12.42
C LEU B 112 13.87 11.82 -13.28
N LYS B 113 13.65 11.58 -14.54
CA LYS B 113 14.08 12.40 -15.67
C LYS B 113 12.86 12.25 -16.62
N ASN B 114 11.64 12.50 -16.04
CA ASN B 114 10.32 12.28 -16.77
C ASN B 114 9.45 13.56 -16.89
N ASP B 115 8.34 13.44 -17.65
CA ASP B 115 7.43 14.58 -17.89
C ASP B 115 5.93 14.26 -17.60
N LEU B 116 5.62 13.23 -16.78
CA LEU B 116 4.20 12.88 -16.41
C LEU B 116 3.89 13.35 -14.95
N SER B 117 4.96 13.54 -14.17
CA SER B 117 4.87 13.98 -12.76
C SER B 117 4.64 15.54 -12.73
N MET B 118 5.34 16.22 -13.63
CA MET B 118 5.27 17.69 -13.84
C MET B 118 5.33 17.98 -15.36
N PRO B 119 4.31 17.67 -16.21
CA PRO B 119 4.44 17.85 -17.67
C PRO B 119 4.91 19.25 -17.99
N ARG B 120 5.86 19.24 -18.96
CA ARG B 120 6.69 20.40 -19.38
C ARG B 120 6.52 20.85 -20.89
N GLY B 121 6.25 19.92 -21.79
CA GLY B 121 6.19 20.22 -23.27
C GLY B 121 7.50 19.70 -23.84
N THR B 122 8.30 19.46 -22.84
CA THR B 122 9.56 18.77 -22.89
C THR B 122 10.68 19.31 -23.73
N MET B 123 11.49 18.25 -23.74
CA MET B 123 12.79 17.99 -24.33
C MET B 123 13.81 18.38 -23.29
N GLN B 124 14.34 17.33 -22.73
CA GLN B 124 15.33 17.39 -21.68
C GLN B 124 16.09 18.79 -21.83
N ASP B 125 16.55 19.14 -23.07
CA ASP B 125 17.28 20.44 -23.40
C ASP B 125 16.51 21.67 -22.84
N GLY B 126 15.17 21.45 -22.81
CA GLY B 126 14.09 22.37 -22.40
C GLY B 126 13.44 22.95 -23.69
N THR B 127 13.38 22.13 -24.79
CA THR B 127 13.03 22.75 -26.12
C THR B 127 12.21 21.99 -27.24
N SER B 128 11.78 22.98 -28.11
CA SER B 128 10.88 23.04 -29.38
C SER B 128 10.44 21.72 -30.07
N ARG B 129 11.33 21.25 -31.02
CA ARG B 129 11.27 19.97 -31.89
C ARG B 129 9.93 19.73 -32.66
N PHE B 130 9.12 20.76 -32.68
CA PHE B 130 7.80 20.78 -33.33
C PHE B 130 7.34 22.22 -33.46
N THR B 131 6.78 22.53 -34.61
CA THR B 131 6.27 23.88 -34.87
C THR B 131 5.18 23.81 -35.95
N CYS B 132 3.92 23.74 -35.48
CA CYS B 132 2.73 23.71 -36.36
C CYS B 132 2.19 25.14 -36.52
N ARG B 133 2.69 25.67 -37.62
CA ARG B 133 2.51 27.05 -38.08
C ARG B 133 3.88 27.71 -37.93
N GLY B 134 3.89 28.81 -37.24
CA GLY B 134 5.12 29.53 -36.89
C GLY B 134 5.19 29.45 -35.38
N LYS B 135 4.26 28.63 -34.91
CA LYS B 135 4.04 28.34 -33.50
C LYS B 135 4.66 27.00 -33.14
N PRO B 136 5.54 26.97 -32.15
CA PRO B 136 6.17 25.72 -31.73
C PRO B 136 5.14 24.79 -31.11
N ILE B 137 5.07 23.55 -31.56
CA ILE B 137 4.16 22.58 -30.91
C ILE B 137 4.99 21.69 -29.96
N HIS B 138 4.30 21.42 -28.84
CA HIS B 138 4.75 20.69 -27.63
C HIS B 138 4.86 19.17 -27.82
N HIS B 139 5.63 18.53 -26.94
CA HIS B 139 5.84 17.06 -27.00
C HIS B 139 5.00 16.37 -25.88
N PHE B 140 4.41 15.19 -26.17
CA PHE B 140 3.65 14.39 -25.14
C PHE B 140 4.53 13.22 -24.74
N LEU B 141 5.00 13.38 -23.50
CA LEU B 141 6.02 12.52 -22.89
C LEU B 141 7.26 12.71 -23.78
N GLY B 142 8.34 12.02 -23.53
CA GLY B 142 9.57 12.26 -24.34
C GLY B 142 9.38 11.67 -25.75
N THR B 143 8.09 11.75 -26.22
CA THR B 143 7.64 10.97 -27.42
C THR B 143 6.90 11.70 -28.63
N SER B 144 5.54 11.93 -28.46
CA SER B 144 4.52 12.46 -29.48
C SER B 144 4.50 11.60 -30.74
N THR B 145 3.88 10.45 -30.65
CA THR B 145 3.90 9.50 -31.77
C THR B 145 2.67 9.62 -32.70
N PHE B 146 1.96 10.74 -32.63
CA PHE B 146 0.78 10.97 -33.51
C PHE B 146 1.16 11.87 -34.67
N SER B 147 2.38 11.74 -35.09
CA SER B 147 2.88 12.46 -36.25
C SER B 147 3.66 11.41 -37.08
N GLN B 148 3.86 11.71 -38.36
CA GLN B 148 4.56 10.79 -39.30
C GLN B 148 5.99 10.54 -38.85
N TYR B 149 6.56 11.58 -38.29
CA TYR B 149 7.92 11.55 -37.72
C TYR B 149 7.95 12.33 -36.43
N THR B 150 8.67 11.81 -35.50
CA THR B 150 8.88 12.47 -34.22
C THR B 150 10.35 12.24 -33.86
N VAL B 151 10.87 13.08 -33.02
CA VAL B 151 12.28 12.98 -32.60
C VAL B 151 12.36 12.96 -31.09
N VAL B 152 12.48 11.76 -30.57
CA VAL B 152 12.57 11.59 -29.12
C VAL B 152 13.97 11.93 -28.62
N ASP B 153 14.14 11.51 -27.38
CA ASP B 153 15.38 11.62 -26.57
C ASP B 153 15.95 10.17 -26.31
N GLU B 154 17.19 9.90 -26.77
CA GLU B 154 17.91 8.55 -26.69
C GLU B 154 17.76 7.80 -25.32
N ILE B 155 17.42 8.57 -24.29
CA ILE B 155 17.20 8.09 -22.90
C ILE B 155 15.81 7.39 -22.81
N SER B 156 14.90 7.93 -23.64
CA SER B 156 13.50 7.43 -23.81
C SER B 156 13.28 6.86 -25.25
N VAL B 157 13.91 5.72 -25.57
CA VAL B 157 13.79 5.02 -26.93
C VAL B 157 14.34 3.60 -26.86
N ALA B 158 14.09 2.72 -27.88
CA ALA B 158 14.66 1.31 -27.77
C ALA B 158 14.62 0.36 -29.01
N LYS B 159 15.85 -0.12 -29.30
CA LYS B 159 16.15 -1.11 -30.37
C LYS B 159 15.53 -2.46 -30.00
N ILE B 160 14.95 -3.11 -31.04
CA ILE B 160 14.07 -4.32 -30.90
C ILE B 160 14.25 -5.39 -32.10
N ASP B 161 13.79 -6.66 -31.87
CA ASP B 161 13.91 -7.95 -32.73
C ASP B 161 14.28 -7.93 -34.25
N ALA B 162 14.37 -6.78 -34.86
CA ALA B 162 14.78 -6.73 -36.27
C ALA B 162 13.71 -7.33 -37.18
N ALA B 163 13.34 -8.55 -36.89
CA ALA B 163 12.30 -9.26 -37.66
C ALA B 163 11.02 -9.28 -36.82
N SER B 164 10.62 -8.06 -36.46
CA SER B 164 9.57 -7.79 -35.43
C SER B 164 8.29 -6.99 -35.91
N PRO B 165 7.00 -7.53 -35.80
CA PRO B 165 5.73 -6.81 -36.24
C PRO B 165 5.35 -5.49 -35.49
N LEU B 166 5.74 -4.37 -36.11
CA LEU B 166 5.52 -2.98 -35.59
C LEU B 166 4.07 -2.57 -35.70
N GLU B 167 3.30 -3.57 -35.70
CA GLU B 167 1.90 -3.46 -35.90
C GLU B 167 1.23 -4.37 -34.86
N LYS B 168 2.09 -5.08 -34.14
CA LYS B 168 1.70 -6.04 -33.08
C LYS B 168 2.43 -5.76 -31.77
N VAL B 169 3.45 -4.96 -31.90
CA VAL B 169 4.38 -4.73 -30.82
C VAL B 169 4.52 -3.22 -30.46
N CYS B 170 3.58 -2.40 -30.94
CA CYS B 170 3.50 -0.97 -30.57
C CYS B 170 2.71 -0.91 -29.28
N LEU B 171 2.16 -2.09 -29.01
CA LEU B 171 1.30 -2.39 -27.86
C LEU B 171 2.13 -2.80 -26.63
N ILE B 172 3.42 -2.92 -26.84
CA ILE B 172 4.37 -3.29 -25.77
C ILE B 172 5.00 -1.98 -25.23
N GLY B 173 4.42 -0.89 -25.70
CA GLY B 173 4.83 0.49 -25.32
C GLY B 173 4.00 0.98 -24.13
N CYS B 174 2.90 0.28 -23.91
CA CYS B 174 1.97 0.53 -22.80
C CYS B 174 0.98 -0.65 -22.69
N GLY B 175 -0.24 -0.38 -23.10
CA GLY B 175 -1.35 -1.37 -23.10
C GLY B 175 -1.00 -2.70 -22.36
N PHE B 176 -0.20 -3.54 -23.02
CA PHE B 176 0.13 -4.92 -22.56
C PHE B 176 1.13 -4.99 -21.39
N SER B 177 2.22 -4.24 -21.53
CA SER B 177 3.27 -4.22 -20.51
C SER B 177 2.70 -3.85 -19.14
N THR B 178 2.06 -2.70 -19.10
CA THR B 178 1.46 -2.18 -17.86
C THR B 178 0.41 -3.15 -17.32
N GLY B 179 -0.42 -3.68 -18.19
CA GLY B 179 -1.47 -4.61 -17.76
C GLY B 179 -0.88 -5.79 -16.97
N TYR B 180 0.08 -6.40 -17.65
CA TYR B 180 0.82 -7.64 -17.29
C TYR B 180 1.98 -7.34 -16.33
N GLY B 181 2.55 -6.17 -16.49
CA GLY B 181 3.65 -5.72 -15.62
C GLY B 181 3.11 -5.44 -14.20
N SER B 182 1.85 -5.01 -14.15
CA SER B 182 1.16 -4.67 -12.89
C SER B 182 0.60 -5.89 -12.17
N ALA B 183 0.76 -7.05 -12.72
CA ALA B 183 0.13 -8.22 -12.10
C ALA B 183 1.15 -9.27 -11.75
N VAL B 184 2.25 -9.15 -12.42
CA VAL B 184 3.33 -10.11 -12.37
C VAL B 184 4.60 -9.51 -11.80
N LYS B 185 4.66 -8.20 -11.80
CA LYS B 185 5.82 -7.52 -11.23
C LYS B 185 5.41 -6.66 -10.06
N VAL B 186 4.37 -5.88 -10.19
CA VAL B 186 4.03 -5.00 -9.06
C VAL B 186 3.05 -5.67 -8.05
N ALA B 187 2.23 -6.62 -8.46
CA ALA B 187 1.32 -7.28 -7.50
C ALA B 187 2.00 -8.55 -6.98
N LYS B 188 2.75 -9.11 -7.90
CA LYS B 188 3.37 -10.40 -7.74
C LYS B 188 2.22 -11.36 -7.42
N VAL B 189 1.31 -11.43 -8.40
CA VAL B 189 0.16 -12.33 -8.33
C VAL B 189 0.73 -13.68 -7.97
N THR B 190 -0.09 -14.43 -7.34
CA THR B 190 0.26 -15.72 -6.82
C THR B 190 -0.46 -16.79 -7.57
N GLN B 191 -0.17 -18.00 -7.19
CA GLN B 191 -0.78 -19.14 -7.82
C GLN B 191 -1.76 -19.78 -6.85
N GLY B 192 -2.96 -19.89 -7.40
CA GLY B 192 -4.13 -20.45 -6.72
C GLY B 192 -5.15 -19.33 -6.42
N SER B 193 -4.59 -18.13 -6.29
CA SER B 193 -5.33 -16.90 -5.87
C SER B 193 -6.54 -16.59 -6.75
N THR B 194 -7.23 -15.58 -6.28
CA THR B 194 -8.38 -14.99 -6.94
C THR B 194 -8.14 -13.50 -7.01
N CYS B 195 -7.73 -13.03 -8.21
CA CYS B 195 -7.59 -11.58 -8.48
C CYS B 195 -8.89 -11.09 -9.12
N ALA B 196 -9.34 -9.94 -8.68
CA ALA B 196 -10.50 -9.29 -9.30
C ALA B 196 -9.94 -8.15 -10.14
N VAL B 197 -10.54 -7.90 -11.28
CA VAL B 197 -10.01 -6.87 -12.18
C VAL B 197 -11.11 -5.87 -12.59
N PHE B 198 -10.86 -4.61 -12.24
CA PHE B 198 -11.76 -3.49 -12.52
C PHE B 198 -11.34 -2.78 -13.81
N GLY B 199 -12.23 -2.85 -14.78
CA GLY B 199 -11.99 -2.30 -16.13
C GLY B 199 -11.48 -3.44 -17.04
N LEU B 200 -12.32 -3.79 -18.01
CA LEU B 200 -12.09 -4.94 -18.93
C LEU B 200 -11.76 -4.53 -20.38
N GLY B 201 -10.91 -3.53 -20.52
CA GLY B 201 -10.56 -3.00 -21.85
C GLY B 201 -9.07 -3.19 -22.19
N GLY B 202 -8.53 -2.10 -22.71
CA GLY B 202 -7.13 -2.00 -23.19
C GLY B 202 -6.13 -2.76 -22.30
N VAL B 203 -5.71 -2.07 -21.24
CA VAL B 203 -4.72 -2.57 -20.27
C VAL B 203 -5.32 -3.68 -19.36
N GLY B 204 -6.50 -3.42 -18.82
CA GLY B 204 -7.21 -4.34 -17.90
C GLY B 204 -7.40 -5.75 -18.52
N LEU B 205 -6.98 -5.89 -19.75
CA LEU B 205 -7.07 -7.17 -20.48
C LEU B 205 -5.75 -7.91 -20.36
N SER B 206 -4.69 -7.12 -20.31
CA SER B 206 -3.34 -7.65 -20.16
C SER B 206 -3.15 -8.08 -18.69
N VAL B 207 -3.83 -7.39 -17.80
CA VAL B 207 -3.80 -7.72 -16.37
C VAL B 207 -4.54 -9.04 -16.13
N ILE B 208 -5.52 -9.29 -16.99
CA ILE B 208 -6.28 -10.54 -16.94
C ILE B 208 -5.39 -11.66 -17.59
N MET B 209 -4.10 -11.32 -17.88
CA MET B 209 -3.14 -12.27 -18.54
C MET B 209 -1.95 -12.66 -17.66
N GLY B 210 -1.47 -11.72 -16.90
CA GLY B 210 -0.41 -12.01 -15.96
C GLY B 210 -1.04 -12.87 -14.87
N CYS B 211 -2.26 -12.46 -14.56
CA CYS B 211 -3.09 -13.12 -13.54
C CYS B 211 -3.30 -14.59 -13.91
N LYS B 212 -3.18 -14.88 -15.19
CA LYS B 212 -3.38 -16.23 -15.74
C LYS B 212 -2.06 -17.00 -15.82
N ALA B 213 -0.99 -16.22 -15.96
CA ALA B 213 0.39 -16.73 -16.12
C ALA B 213 1.12 -16.75 -14.78
N ALA B 214 0.89 -15.68 -14.01
CA ALA B 214 1.40 -15.57 -12.63
C ALA B 214 1.02 -16.91 -11.97
N GLY B 215 -0.03 -17.46 -12.63
CA GLY B 215 -0.57 -18.85 -12.44
C GLY B 215 -1.88 -19.02 -11.59
N ALA B 216 -2.90 -18.14 -11.67
CA ALA B 216 -4.12 -18.27 -10.76
C ALA B 216 -5.39 -18.93 -11.42
N ALA B 217 -6.34 -19.27 -10.50
CA ALA B 217 -7.59 -20.09 -10.76
C ALA B 217 -8.89 -19.33 -11.04
N ARG B 218 -9.03 -18.17 -10.47
CA ARG B 218 -10.19 -17.32 -10.67
C ARG B 218 -9.73 -15.88 -10.90
N ILE B 219 -10.14 -15.35 -12.02
CA ILE B 219 -9.92 -13.94 -12.34
C ILE B 219 -11.29 -13.37 -12.72
N ILE B 220 -11.86 -12.71 -11.74
CA ILE B 220 -13.16 -12.06 -11.85
C ILE B 220 -12.96 -10.62 -12.36
N GLY B 221 -13.47 -10.33 -13.55
CA GLY B 221 -13.32 -8.97 -14.14
C GLY B 221 -14.66 -8.22 -14.09
N VAL B 222 -14.63 -6.98 -13.63
CA VAL B 222 -15.86 -6.16 -13.45
C VAL B 222 -15.93 -4.93 -14.40
N ASP B 223 -16.85 -4.94 -15.37
CA ASP B 223 -17.06 -3.77 -16.30
C ASP B 223 -18.56 -3.42 -16.36
N ILE B 224 -18.89 -2.25 -16.90
CA ILE B 224 -20.32 -1.86 -17.08
C ILE B 224 -20.73 -2.02 -18.53
N ASN B 225 -19.93 -2.79 -19.21
CA ASN B 225 -20.09 -3.11 -20.63
C ASN B 225 -20.17 -4.63 -20.73
N LYS B 226 -21.36 -5.17 -20.54
CA LYS B 226 -21.55 -6.62 -20.62
C LYS B 226 -20.82 -7.12 -21.90
N ASP B 227 -20.77 -6.22 -22.89
CA ASP B 227 -20.19 -6.47 -24.24
C ASP B 227 -18.70 -6.82 -24.18
N LYS B 228 -18.07 -6.27 -23.19
CA LYS B 228 -16.64 -6.44 -22.95
C LYS B 228 -16.35 -7.77 -22.26
N PHE B 229 -17.37 -8.54 -22.03
CA PHE B 229 -17.23 -9.76 -21.19
C PHE B 229 -16.77 -11.05 -21.90
N ALA B 230 -16.13 -11.02 -23.06
CA ALA B 230 -15.70 -12.31 -23.68
C ALA B 230 -14.19 -12.31 -23.97
N LYS B 231 -13.67 -11.20 -24.48
CA LYS B 231 -12.22 -11.13 -24.65
C LYS B 231 -11.66 -11.55 -23.32
N ALA B 232 -12.39 -11.04 -22.34
CA ALA B 232 -12.14 -11.21 -20.92
C ALA B 232 -12.12 -12.70 -20.48
N LYS B 233 -12.66 -13.61 -21.31
CA LYS B 233 -12.64 -15.07 -21.00
C LYS B 233 -11.69 -15.77 -21.95
N GLU B 234 -11.63 -15.20 -23.12
CA GLU B 234 -10.75 -15.66 -24.16
C GLU B 234 -9.32 -15.61 -23.64
N VAL B 235 -9.01 -14.42 -23.17
CA VAL B 235 -7.68 -14.07 -22.69
C VAL B 235 -7.45 -14.45 -21.19
N GLY B 236 -8.49 -14.85 -20.40
CA GLY B 236 -8.24 -15.22 -18.96
C GLY B 236 -9.52 -15.50 -18.08
N ALA B 237 -10.17 -14.41 -17.64
CA ALA B 237 -11.37 -14.37 -16.72
C ALA B 237 -12.21 -15.69 -16.71
N THR B 238 -13.01 -15.85 -15.64
CA THR B 238 -13.88 -17.04 -15.39
C THR B 238 -15.30 -16.58 -15.25
N GLU B 239 -15.34 -15.69 -14.30
CA GLU B 239 -16.49 -14.93 -13.90
C GLU B 239 -16.30 -13.52 -14.43
N CYS B 240 -17.40 -12.90 -14.73
CA CYS B 240 -17.44 -11.51 -15.21
C CYS B 240 -18.62 -10.85 -14.52
N VAL B 241 -18.53 -9.56 -14.27
CA VAL B 241 -19.55 -8.96 -13.43
C VAL B 241 -19.92 -7.53 -13.82
N ASN B 242 -21.14 -7.19 -13.46
CA ASN B 242 -21.73 -5.88 -13.77
C ASN B 242 -22.33 -5.24 -12.52
N PRO B 243 -21.76 -4.17 -11.98
CA PRO B 243 -22.33 -3.52 -10.81
C PRO B 243 -23.81 -3.10 -10.97
N GLN B 244 -24.33 -3.01 -12.20
CA GLN B 244 -25.73 -2.52 -12.49
C GLN B 244 -26.82 -3.61 -12.39
N ASP B 245 -26.38 -4.83 -12.10
CA ASP B 245 -27.26 -6.04 -12.01
C ASP B 245 -27.65 -6.31 -10.58
N TYR B 246 -27.18 -5.35 -9.81
CA TYR B 246 -27.13 -5.45 -8.36
C TYR B 246 -27.75 -4.28 -7.60
N LYS B 247 -28.50 -4.75 -6.61
CA LYS B 247 -29.22 -3.95 -5.61
C LYS B 247 -28.26 -3.65 -4.44
N LYS B 248 -27.19 -4.46 -4.36
CA LYS B 248 -26.14 -4.34 -3.30
C LYS B 248 -24.84 -3.74 -3.85
N PRO B 249 -24.01 -3.03 -3.04
CA PRO B 249 -22.76 -2.47 -3.55
C PRO B 249 -21.93 -3.61 -4.15
N ILE B 250 -21.26 -3.35 -5.28
CA ILE B 250 -20.48 -4.39 -6.00
C ILE B 250 -19.33 -4.92 -5.12
N GLN B 251 -19.00 -4.09 -4.15
CA GLN B 251 -17.98 -4.41 -3.13
C GLN B 251 -18.29 -5.80 -2.54
N GLU B 252 -19.55 -5.88 -2.06
CA GLU B 252 -20.13 -7.07 -1.34
C GLU B 252 -20.34 -8.29 -2.23
N VAL B 253 -21.06 -8.09 -3.32
CA VAL B 253 -21.33 -9.16 -4.29
C VAL B 253 -20.07 -10.00 -4.43
N LEU B 254 -19.04 -9.21 -4.60
CA LEU B 254 -17.65 -9.64 -4.86
C LEU B 254 -16.91 -10.13 -3.62
N THR B 255 -17.44 -9.80 -2.46
CA THR B 255 -16.79 -10.12 -1.18
C THR B 255 -17.32 -11.46 -0.59
N GLU B 256 -18.43 -11.96 -1.14
CA GLU B 256 -18.95 -13.29 -0.72
C GLU B 256 -18.47 -14.35 -1.75
N MET B 257 -18.41 -13.89 -3.00
CA MET B 257 -17.95 -14.70 -4.16
C MET B 257 -16.65 -15.38 -3.79
N SER B 258 -15.74 -14.55 -3.34
CA SER B 258 -14.46 -14.96 -2.80
C SER B 258 -14.66 -15.05 -1.27
N ASN B 259 -15.95 -14.80 -0.92
CA ASN B 259 -16.39 -14.58 0.47
C ASN B 259 -15.27 -14.83 1.40
N GLY B 260 -14.98 -13.69 1.90
CA GLY B 260 -13.87 -13.42 2.74
C GLY B 260 -13.16 -12.28 2.02
N GLY B 261 -13.48 -12.19 0.75
CA GLY B 261 -12.94 -11.16 -0.15
C GLY B 261 -11.90 -11.78 -1.07
N VAL B 262 -11.57 -11.02 -2.06
CA VAL B 262 -10.59 -11.44 -3.05
C VAL B 262 -9.19 -11.47 -2.37
N ASP B 263 -8.19 -11.57 -3.24
CA ASP B 263 -6.76 -11.78 -2.87
C ASP B 263 -5.83 -10.73 -3.47
N PHE B 264 -6.08 -10.51 -4.74
CA PHE B 264 -5.38 -9.53 -5.56
C PHE B 264 -6.44 -8.76 -6.38
N SER B 265 -6.82 -7.57 -5.90
CA SER B 265 -7.81 -6.70 -6.59
C SER B 265 -7.08 -5.61 -7.40
N PHE B 266 -7.31 -5.55 -8.73
CA PHE B 266 -6.68 -4.49 -9.57
C PHE B 266 -7.73 -3.49 -10.08
N GLU B 267 -7.26 -2.34 -10.47
CA GLU B 267 -8.13 -1.31 -11.01
C GLU B 267 -7.45 -0.62 -12.14
N VAL B 268 -8.06 -0.75 -13.24
CA VAL B 268 -7.59 -0.12 -14.42
C VAL B 268 -8.79 0.53 -15.05
N ILE B 269 -9.17 1.63 -14.47
CA ILE B 269 -10.28 2.42 -14.98
C ILE B 269 -9.91 3.90 -14.90
N GLY B 270 -9.65 4.38 -13.71
CA GLY B 270 -9.26 5.79 -13.51
C GLY B 270 -10.30 6.50 -12.64
N ARG B 271 -11.17 5.66 -12.11
CA ARG B 271 -12.32 6.00 -11.26
C ARG B 271 -11.91 6.01 -9.75
N LEU B 272 -11.86 7.24 -9.19
CA LEU B 272 -11.50 7.54 -7.76
C LEU B 272 -12.35 6.75 -6.74
N ASP B 273 -13.52 6.28 -7.20
CA ASP B 273 -14.49 5.54 -6.36
C ASP B 273 -14.38 4.03 -6.61
N THR B 274 -13.75 3.71 -7.70
CA THR B 274 -13.48 2.33 -8.10
C THR B 274 -12.11 1.95 -7.49
N MET B 275 -11.36 3.00 -7.19
CA MET B 275 -10.03 2.88 -6.57
C MET B 275 -10.16 2.36 -5.13
N VAL B 276 -11.26 2.76 -4.50
CA VAL B 276 -11.57 2.47 -3.08
C VAL B 276 -12.35 1.12 -2.92
N THR B 277 -13.36 1.00 -3.78
CA THR B 277 -14.28 -0.17 -3.88
C THR B 277 -13.50 -1.48 -4.06
N ALA B 278 -12.24 -1.30 -4.40
CA ALA B 278 -11.31 -2.40 -4.67
C ALA B 278 -10.29 -2.51 -3.53
N LEU B 279 -10.07 -1.36 -2.88
CA LEU B 279 -9.24 -1.27 -1.66
C LEU B 279 -9.80 -2.29 -0.69
N SER B 280 -11.15 -2.09 -0.63
CA SER B 280 -12.18 -2.76 0.22
C SER B 280 -12.47 -4.20 -0.17
N CYS B 281 -12.25 -4.42 -1.44
CA CYS B 281 -12.61 -5.69 -2.10
C CYS B 281 -11.67 -6.86 -1.79
N CYS B 282 -10.48 -6.62 -1.31
CA CYS B 282 -9.54 -7.70 -0.97
C CYS B 282 -9.58 -8.04 0.53
N GLN B 283 -8.87 -9.13 0.90
CA GLN B 283 -8.84 -9.64 2.31
C GLN B 283 -8.26 -8.59 3.29
N GLU B 284 -9.17 -8.19 4.20
CA GLU B 284 -8.94 -7.17 5.26
C GLU B 284 -7.53 -7.21 5.81
N ALA B 285 -6.98 -8.43 5.79
CA ALA B 285 -5.70 -8.72 6.46
C ALA B 285 -4.54 -9.19 5.57
N TYR B 286 -4.77 -9.49 4.29
CA TYR B 286 -3.64 -9.90 3.41
C TYR B 286 -3.96 -9.73 1.92
N GLY B 287 -4.68 -8.69 1.58
CA GLY B 287 -5.05 -8.44 0.15
C GLY B 287 -4.18 -7.31 -0.45
N VAL B 288 -3.85 -7.40 -1.76
CA VAL B 288 -3.04 -6.34 -2.42
C VAL B 288 -3.79 -5.69 -3.60
N SER B 289 -4.08 -4.42 -3.46
CA SER B 289 -4.75 -3.65 -4.54
C SER B 289 -3.71 -2.90 -5.36
N VAL B 290 -3.67 -3.11 -6.67
CA VAL B 290 -2.77 -2.28 -7.47
C VAL B 290 -3.57 -1.29 -8.31
N ILE B 291 -3.41 -0.03 -7.95
CA ILE B 291 -4.04 1.06 -8.69
C ILE B 291 -3.31 1.18 -10.01
N VAL B 292 -3.99 0.88 -11.07
CA VAL B 292 -3.35 0.91 -12.38
C VAL B 292 -3.60 2.22 -13.08
N GLY B 293 -4.94 2.48 -13.07
CA GLY B 293 -5.65 3.63 -13.73
C GLY B 293 -5.18 5.01 -13.25
N VAL B 294 -5.31 5.96 -14.18
CA VAL B 294 -4.88 7.36 -14.00
C VAL B 294 -6.08 8.27 -13.65
N PRO B 295 -6.16 8.81 -12.42
CA PRO B 295 -7.31 9.58 -11.97
C PRO B 295 -7.42 10.97 -12.52
N PRO B 296 -8.59 11.56 -12.26
CA PRO B 296 -8.85 12.95 -12.60
C PRO B 296 -7.79 13.84 -11.94
N ASP B 297 -7.57 15.00 -12.57
CA ASP B 297 -6.58 16.05 -12.16
C ASP B 297 -6.15 15.92 -10.69
N SER B 298 -6.31 16.97 -9.91
CA SER B 298 -5.93 16.91 -8.49
C SER B 298 -7.19 16.81 -7.66
N GLN B 299 -7.97 15.84 -8.05
CA GLN B 299 -9.14 15.44 -7.32
C GLN B 299 -8.65 14.32 -6.37
N ASN B 300 -8.92 14.55 -5.09
CA ASN B 300 -8.59 13.63 -3.97
C ASN B 300 -9.79 12.70 -3.71
N LEU B 301 -9.52 11.60 -3.03
CA LEU B 301 -10.59 10.64 -2.64
C LEU B 301 -10.53 10.38 -1.13
N SER B 302 -11.66 9.92 -0.61
CA SER B 302 -11.82 9.56 0.83
C SER B 302 -11.89 8.04 1.04
N MET B 303 -11.39 7.71 2.26
CA MET B 303 -11.34 6.35 2.88
C MET B 303 -10.82 6.53 4.33
N ASN B 304 -11.12 5.56 5.19
CA ASN B 304 -10.61 5.62 6.57
C ASN B 304 -9.43 4.68 6.69
N PRO B 305 -8.45 5.15 7.41
CA PRO B 305 -7.18 4.46 7.54
C PRO B 305 -7.31 3.04 8.06
N MET B 306 -8.54 2.52 8.24
CA MET B 306 -8.70 1.15 8.80
C MET B 306 -8.87 0.05 7.72
N LEU B 307 -8.95 0.42 6.46
CA LEU B 307 -9.00 -0.61 5.40
C LEU B 307 -7.57 -1.15 5.21
N LEU B 308 -6.66 -0.27 5.59
CA LEU B 308 -5.19 -0.46 5.48
C LEU B 308 -4.57 -1.03 6.77
N LEU B 309 -5.16 -0.65 7.89
CA LEU B 309 -4.68 -1.02 9.22
C LEU B 309 -4.86 -2.51 9.51
N SER B 310 -5.90 -3.04 8.92
CA SER B 310 -6.27 -4.45 9.08
C SER B 310 -5.27 -5.36 8.39
N GLY B 311 -4.59 -4.83 7.38
CA GLY B 311 -3.53 -5.62 6.73
C GLY B 311 -3.44 -5.48 5.21
N ARG B 312 -4.46 -5.00 4.54
CA ARG B 312 -4.34 -4.88 3.07
C ARG B 312 -3.19 -3.95 2.73
N THR B 313 -2.52 -4.24 1.65
CA THR B 313 -1.45 -3.36 1.16
C THR B 313 -1.97 -2.70 -0.11
N TRP B 314 -1.73 -1.39 -0.19
CA TRP B 314 -2.22 -0.56 -1.31
C TRP B 314 -1.07 0.06 -2.13
N LYS B 315 -0.59 -0.63 -3.16
CA LYS B 315 0.48 -0.03 -4.01
C LYS B 315 -0.15 0.59 -5.27
N GLY B 316 0.72 1.11 -6.10
CA GLY B 316 0.38 1.73 -7.39
C GLY B 316 1.62 1.61 -8.28
N ALA B 317 1.48 2.00 -9.55
CA ALA B 317 2.63 1.92 -10.49
C ALA B 317 2.26 2.39 -11.91
N ILE B 318 3.31 2.96 -12.56
CA ILE B 318 3.27 3.47 -13.98
C ILE B 318 4.12 2.53 -14.84
N PHE B 319 3.87 2.54 -16.12
CA PHE B 319 4.35 1.42 -16.92
C PHE B 319 3.78 0.27 -16.10
N GLY B 320 4.54 -0.75 -15.85
CA GLY B 320 4.03 -1.90 -15.08
C GLY B 320 5.06 -2.37 -14.07
N GLY B 321 5.85 -1.39 -13.64
CA GLY B 321 6.96 -1.59 -12.68
C GLY B 321 8.23 -1.97 -13.45
N PHE B 322 8.00 -2.18 -14.73
CA PHE B 322 9.00 -2.63 -15.73
C PHE B 322 9.99 -1.48 -16.09
N LYS B 323 11.27 -1.60 -15.66
CA LYS B 323 12.29 -0.56 -16.00
C LYS B 323 12.05 -0.28 -17.49
N SER B 324 12.61 0.75 -18.07
CA SER B 324 12.20 1.08 -19.46
C SER B 324 13.06 0.43 -20.58
N LYS B 325 14.33 0.81 -20.63
CA LYS B 325 15.27 0.38 -21.70
C LYS B 325 15.75 -1.10 -21.60
N ASP B 326 15.25 -1.90 -20.66
CA ASP B 326 15.77 -3.30 -20.50
C ASP B 326 14.73 -4.38 -20.79
N SER B 327 13.51 -3.91 -20.87
CA SER B 327 12.32 -4.75 -20.93
C SER B 327 11.68 -4.79 -22.33
N VAL B 328 11.18 -3.65 -22.77
CA VAL B 328 10.53 -3.62 -24.09
C VAL B 328 11.35 -4.49 -25.05
N PRO B 329 12.70 -4.50 -24.98
CA PRO B 329 13.53 -5.35 -25.86
C PRO B 329 13.22 -6.86 -25.71
N LYS B 330 13.36 -7.34 -24.47
CA LYS B 330 13.20 -8.78 -24.07
C LYS B 330 11.72 -9.21 -24.06
N LEU B 331 10.83 -8.22 -23.94
CA LEU B 331 9.37 -8.46 -23.92
C LEU B 331 8.89 -8.87 -25.32
N VAL B 332 9.18 -7.98 -26.22
CA VAL B 332 8.91 -8.13 -27.64
C VAL B 332 9.44 -9.51 -28.04
N ALA B 333 10.64 -9.71 -27.59
CA ALA B 333 11.36 -10.94 -27.80
C ALA B 333 10.57 -12.14 -27.25
N ASP B 334 9.63 -11.91 -26.37
CA ASP B 334 8.88 -13.04 -25.78
C ASP B 334 7.69 -13.41 -26.65
N PHE B 335 7.29 -12.39 -27.35
CA PHE B 335 6.18 -12.41 -28.29
C PHE B 335 6.51 -13.35 -29.46
N MET B 336 7.74 -13.16 -29.92
CA MET B 336 8.35 -13.90 -31.03
C MET B 336 8.36 -15.39 -30.73
N ALA B 337 8.51 -15.69 -29.47
CA ALA B 337 8.50 -17.08 -29.02
C ALA B 337 7.06 -17.53 -28.89
N LYS B 338 6.17 -16.63 -29.18
CA LYS B 338 4.77 -16.94 -29.01
C LYS B 338 4.62 -17.40 -27.57
N LYS B 339 5.20 -16.55 -26.71
CA LYS B 339 5.20 -16.73 -25.26
C LYS B 339 4.02 -15.96 -24.63
N PHE B 340 3.31 -15.16 -25.46
CA PHE B 340 2.04 -14.43 -25.06
C PHE B 340 1.34 -13.85 -26.32
N ALA B 341 0.03 -13.56 -26.21
CA ALA B 341 -0.80 -13.07 -27.37
C ALA B 341 -1.09 -11.56 -27.32
N LEU B 342 -1.19 -10.95 -28.49
CA LEU B 342 -1.38 -9.48 -28.59
C LEU B 342 -2.56 -9.08 -29.49
N ASP B 343 -3.38 -10.03 -29.86
CA ASP B 343 -4.48 -9.73 -30.79
C ASP B 343 -5.86 -9.66 -30.10
N PRO B 344 -6.23 -10.53 -29.14
CA PRO B 344 -7.56 -10.44 -28.54
C PRO B 344 -7.77 -9.08 -27.87
N LEU B 345 -6.73 -8.24 -28.02
CA LEU B 345 -6.64 -6.86 -27.46
C LEU B 345 -6.94 -5.80 -28.53
N ILE B 346 -6.65 -6.23 -29.73
CA ILE B 346 -6.73 -5.40 -30.94
C ILE B 346 -7.97 -5.76 -31.75
N THR B 347 -8.77 -4.73 -31.94
CA THR B 347 -10.06 -4.87 -32.59
C THR B 347 -10.17 -4.05 -33.89
N HIS B 348 -9.34 -3.02 -34.06
CA HIS B 348 -9.44 -2.16 -35.28
C HIS B 348 -8.11 -1.52 -35.73
N VAL B 349 -7.60 -1.91 -36.90
CA VAL B 349 -6.41 -1.25 -37.49
C VAL B 349 -6.90 -0.21 -38.53
N LEU B 350 -6.99 1.03 -38.07
CA LEU B 350 -7.46 2.18 -38.88
C LEU B 350 -6.29 3.03 -39.40
N PRO B 351 -6.18 3.45 -40.69
CA PRO B 351 -5.11 4.37 -41.07
C PRO B 351 -5.24 5.73 -40.39
N PHE B 352 -4.06 6.25 -40.02
CA PHE B 352 -3.90 7.58 -39.39
C PHE B 352 -4.71 8.60 -40.22
N GLU B 353 -5.07 9.70 -39.56
CA GLU B 353 -5.96 10.73 -40.12
C GLU B 353 -7.34 10.36 -39.66
N LYS B 354 -7.52 9.08 -39.87
CA LYS B 354 -8.63 8.34 -39.36
C LYS B 354 -8.18 7.93 -37.96
N ILE B 355 -8.09 8.94 -37.12
CA ILE B 355 -7.68 8.82 -35.72
C ILE B 355 -8.83 9.31 -34.85
N ASN B 356 -9.43 10.35 -35.38
CA ASN B 356 -10.58 11.01 -34.75
C ASN B 356 -11.81 10.11 -34.85
N GLU B 357 -11.53 8.83 -35.03
CA GLU B 357 -12.55 7.79 -35.24
C GLU B 357 -12.30 6.62 -34.28
N GLY B 358 -11.01 6.41 -34.06
CA GLY B 358 -10.50 5.37 -33.16
C GLY B 358 -10.73 5.81 -31.73
N PHE B 359 -10.70 7.12 -31.59
CA PHE B 359 -10.98 7.79 -30.33
C PHE B 359 -12.46 7.72 -30.10
N ASP B 360 -13.13 7.89 -31.23
CA ASP B 360 -14.59 7.85 -31.31
C ASP B 360 -15.07 6.39 -31.27
N LEU B 361 -14.10 5.50 -31.20
CA LEU B 361 -14.38 4.05 -31.12
C LEU B 361 -14.17 3.59 -29.66
N LEU B 362 -13.40 4.37 -28.91
CA LEU B 362 -13.10 4.13 -27.48
C LEU B 362 -14.33 4.47 -26.65
N ARG B 363 -14.53 5.78 -26.72
CA ARG B 363 -15.58 6.54 -26.03
C ARG B 363 -16.93 5.86 -26.14
N SER B 364 -16.98 4.94 -27.06
CA SER B 364 -18.18 4.17 -27.30
C SER B 364 -18.04 2.83 -26.56
N GLY B 365 -17.60 1.81 -27.25
CA GLY B 365 -17.42 0.50 -26.62
C GLY B 365 -17.26 -0.54 -27.70
N GLU B 366 -17.21 -0.01 -28.89
CA GLU B 366 -17.08 -0.81 -30.09
C GLU B 366 -15.57 -1.22 -30.24
N SER B 367 -14.67 -0.47 -29.61
CA SER B 367 -13.20 -0.68 -29.77
C SER B 367 -12.48 -0.95 -28.44
N ILE B 368 -11.47 -1.78 -28.54
CA ILE B 368 -10.58 -2.08 -27.43
C ILE B 368 -9.26 -1.43 -27.81
N ARG B 369 -8.61 -2.00 -28.80
CA ARG B 369 -7.37 -1.44 -29.30
C ARG B 369 -7.45 -1.24 -30.80
N THR B 370 -7.65 0.02 -31.11
CA THR B 370 -7.70 0.50 -32.46
C THR B 370 -6.27 0.97 -32.82
N ILE B 371 -5.52 0.09 -33.49
CA ILE B 371 -4.14 0.39 -33.93
C ILE B 371 -4.26 1.37 -35.11
N LEU B 372 -3.34 2.33 -35.18
CA LEU B 372 -3.37 3.41 -36.19
C LEU B 372 -2.20 3.31 -37.19
N THR B 373 -2.28 2.40 -38.17
CA THR B 373 -1.19 2.25 -39.18
C THR B 373 -0.94 3.62 -39.90
N PHE B 374 0.30 3.79 -40.46
CA PHE B 374 0.82 5.12 -41.01
C PHE B 374 1.21 5.22 -42.59
ZN ZN C . -1.51 -2.02 22.72
ZN ZN D . -7.69 -17.48 13.06
PA NAD E . 1.74 7.28 22.85
O1A NAD E . 0.73 8.29 23.21
O2A NAD E . 2.60 7.03 24.03
O5B NAD E . 2.63 7.82 21.63
C5B NAD E . 2.20 8.95 20.83
C4B NAD E . 3.43 9.66 20.42
O4B NAD E . 3.20 10.52 19.26
C3B NAD E . 4.03 10.55 21.48
O3B NAD E . 5.46 10.35 21.55
C2B NAD E . 3.57 11.93 21.03
O2B NAD E . 4.42 12.98 21.51
C1B NAD E . 3.66 11.82 19.54
N9A NAD E . 2.88 12.80 18.83
C8A NAD E . 1.69 13.37 19.17
N7A NAD E . 1.26 14.23 18.25
C5A NAD E . 2.25 14.19 17.27
C6A NAD E . 2.38 14.87 16.04
N6A NAD E . 1.47 15.72 15.56
N1A NAD E . 3.51 14.63 15.33
C2A NAD E . 4.43 13.74 15.82
N3A NAD E . 4.39 13.07 16.93
C4A NAD E . 3.26 13.35 17.62
O3 NAD E . 1.17 5.98 22.20
PN NAD E . 1.76 4.44 22.06
O1N NAD E . 1.39 3.64 23.26
O2N NAD E . 3.24 4.47 21.94
O5D NAD E . 1.02 3.92 20.73
C5D NAD E . 1.19 4.62 19.49
C4D NAD E . -0.10 4.55 18.68
O4D NAD E . -0.17 3.30 17.95
C3D NAD E . -1.39 4.68 19.47
O3D NAD E . -2.44 5.43 18.82
C2D NAD E . -1.77 3.20 19.64
O2D NAD E . -3.18 3.12 19.87
C1D NAD E . -1.35 2.60 18.32
N1N NAD E . -1.04 1.15 18.43
C2N NAD E . -1.42 0.30 17.43
C3N NAD E . -1.09 -1.03 17.52
C7N NAD E . -1.43 -2.05 16.38
O7N NAD E . -1.68 -3.21 16.65
N7N NAD E . -1.40 -1.55 15.12
C4N NAD E . -0.39 -1.58 18.62
C5N NAD E . -0.07 -0.62 19.60
C6N NAD E . -0.36 0.71 19.57
S DMS F . -4.06 -2.52 20.40
O DMS F . -3.04 -1.85 21.23
C1 DMS F . -5.60 -2.54 21.33
C2 DMS F . -4.53 -1.36 19.13
ZN ZN G . -0.61 4.13 -22.18
ZN ZN H . 16.67 7.21 -14.18
PA NAD I . -10.51 1.61 -21.73
O1A NAD I . -11.45 2.67 -22.13
O2A NAD I . -10.37 0.64 -22.84
O5B NAD I . -11.07 0.84 -20.43
C5B NAD I . -12.12 1.40 -19.60
C4B NAD I . -12.96 0.52 -19.29
O4B NAD I . -13.49 0.29 -17.95
C3B NAD I . -14.16 0.65 -20.20
O3B NAD I . -14.36 -0.55 -20.96
C2B NAD I . -15.26 1.00 -19.24
O2B NAD I . -16.53 0.55 -19.76
C1B NAD I . -14.89 0.23 -17.99
N9A NAD I . -15.39 1.07 -16.74
C8A NAD I . -15.37 2.41 -16.61
N7A NAD I . -16.02 2.86 -15.57
C5A NAD I . -16.46 1.74 -14.95
C6A NAD I . -17.18 1.60 -13.78
N6A NAD I . -17.65 2.62 -13.05
N1A NAD I . -17.44 0.33 -13.36
C2A NAD I . -16.97 -0.70 -14.12
N3A NAD I . -16.29 -0.67 -15.23
C4A NAD I . -16.06 0.61 -15.62
O3 NAD I . -9.17 2.13 -21.16
PN NAD I . -7.67 1.48 -20.97
O1N NAD I . -6.85 1.72 -22.18
O2N NAD I . -7.79 0.02 -20.77
O5D NAD I . -7.13 2.30 -19.68
C5D NAD I . -7.58 2.02 -18.35
C4D NAD I . -7.11 3.13 -17.39
O4D NAD I . -5.72 2.97 -17.04
C3D NAD I . -7.23 4.56 -17.94
O3D NAD I . -7.61 5.54 -16.95
C2D NAD I . -5.80 4.82 -18.45
O2D NAD I . -5.59 6.23 -18.46
C1D NAD I . -4.97 4.12 -17.39
N1N NAD I . -3.61 3.69 -17.81
C2N NAD I . -2.58 3.88 -16.94
C3N NAD I . -1.32 3.45 -17.25
C7N NAD I . -0.15 3.59 -16.23
O7N NAD I . 0.99 3.76 -16.63
N7N NAD I . -0.49 3.51 -14.93
C4N NAD I . -1.00 2.86 -18.49
C5N NAD I . -2.11 2.74 -19.33
C6N NAD I . -3.41 3.11 -19.08
S DMS J . 0.58 6.23 -19.69
O DMS J . -0.30 5.30 -20.42
C1 DMS J . 0.45 7.84 -20.52
C2 DMS J . -0.26 6.68 -18.18
#